data_7OSR
#
_entry.id   7OSR
#
_entity_poly.entity_id   1
_entity_poly.type   'polypeptide(L)'
_entity_poly.pdbx_seq_one_letter_code
;GSTPPQALQQLLQTLKSPSSPQQQQQVLQILKSNPQLMAAFIKQRSQHQQ
;
_entity_poly.pdbx_strand_id   A
#
# COMPACT_ATOMS: atom_id res chain seq x y z
N GLY A 1 7.80 -19.92 9.06
CA GLY A 1 8.02 -20.66 7.84
C GLY A 1 8.33 -19.76 6.67
N SER A 2 7.51 -19.84 5.62
CA SER A 2 7.70 -19.04 4.43
C SER A 2 6.80 -17.80 4.46
N THR A 3 7.29 -16.71 3.88
CA THR A 3 6.53 -15.46 3.84
C THR A 3 5.76 -15.32 2.53
N PRO A 4 4.58 -14.71 2.60
CA PRO A 4 3.72 -14.51 1.43
C PRO A 4 4.30 -13.47 0.48
N PRO A 5 4.21 -13.75 -0.83
CA PRO A 5 4.72 -12.85 -1.87
C PRO A 5 3.89 -11.57 -1.99
N GLN A 6 2.59 -11.69 -1.72
CA GLN A 6 1.68 -10.55 -1.79
C GLN A 6 2.03 -9.50 -0.74
N ALA A 7 2.48 -9.97 0.42
CA ALA A 7 2.85 -9.07 1.50
C ALA A 7 3.82 -7.99 1.03
N LEU A 8 4.66 -8.34 0.06
CA LEU A 8 5.64 -7.42 -0.49
C LEU A 8 4.94 -6.22 -1.15
N GLN A 9 4.25 -6.50 -2.26
CA GLN A 9 3.54 -5.45 -2.99
C GLN A 9 2.47 -4.82 -2.11
N GLN A 10 2.09 -5.51 -1.05
CA GLN A 10 1.06 -5.02 -0.13
C GLN A 10 1.51 -3.70 0.51
N LEU A 11 2.80 -3.59 0.79
CA LEU A 11 3.35 -2.40 1.41
C LEU A 11 2.67 -2.10 2.75
N LEU A 12 2.74 -3.07 3.66
CA LEU A 12 2.13 -2.92 4.98
C LEU A 12 2.61 -1.64 5.66
N GLN A 13 3.85 -1.26 5.38
CA GLN A 13 4.43 -0.06 5.96
C GLN A 13 3.57 1.17 5.65
N THR A 14 3.34 1.40 4.36
CA THR A 14 2.53 2.55 3.93
C THR A 14 1.09 2.41 4.40
N LEU A 15 0.51 1.22 4.21
CA LEU A 15 -0.86 0.96 4.61
C LEU A 15 -1.02 1.14 6.12
N LYS A 16 0.04 0.85 6.87
CA LYS A 16 0.02 1.00 8.32
C LYS A 16 0.45 2.39 8.74
N SER A 17 0.52 3.30 7.77
CA SER A 17 0.93 4.68 8.05
C SER A 17 -0.29 5.55 8.37
N PRO A 18 -0.05 6.62 9.15
CA PRO A 18 -1.11 7.55 9.54
C PRO A 18 -1.62 8.39 8.37
N SER A 19 -2.86 8.85 8.47
CA SER A 19 -3.46 9.66 7.42
C SER A 19 -2.86 11.07 7.40
N SER A 20 -2.02 11.35 8.39
CA SER A 20 -1.38 12.66 8.48
C SER A 20 -0.85 13.11 7.12
N PRO A 21 -0.76 14.43 6.93
CA PRO A 21 -0.28 15.03 5.68
C PRO A 21 1.20 14.81 5.47
N GLN A 22 1.93 14.62 6.56
CA GLN A 22 3.37 14.39 6.49
C GLN A 22 3.68 13.08 5.76
N GLN A 23 3.15 11.98 6.26
CA GLN A 23 3.36 10.68 5.65
C GLN A 23 2.77 10.63 4.25
N GLN A 24 1.74 11.42 4.02
CA GLN A 24 1.07 11.45 2.72
C GLN A 24 2.04 11.94 1.64
N GLN A 25 2.91 12.87 2.00
CA GLN A 25 3.88 13.43 1.07
C GLN A 25 4.84 12.34 0.59
N GLN A 26 5.17 11.41 1.48
CA GLN A 26 6.08 10.32 1.14
C GLN A 26 5.38 9.27 0.29
N VAL A 27 4.31 8.71 0.83
CA VAL A 27 3.54 7.68 0.11
C VAL A 27 3.15 8.15 -1.28
N LEU A 28 2.95 9.46 -1.43
CA LEU A 28 2.59 10.04 -2.72
C LEU A 28 3.51 9.54 -3.82
N GLN A 29 4.77 9.30 -3.46
CA GLN A 29 5.75 8.82 -4.43
C GLN A 29 5.36 7.44 -4.96
N ILE A 30 4.81 6.61 -4.09
CA ILE A 30 4.39 5.26 -4.47
C ILE A 30 3.54 5.29 -5.73
N LEU A 31 2.69 6.31 -5.84
CA LEU A 31 1.81 6.45 -6.98
C LEU A 31 2.59 6.29 -8.28
N LYS A 32 3.86 6.69 -8.27
CA LYS A 32 4.71 6.59 -9.44
C LYS A 32 4.66 5.17 -10.02
N SER A 33 4.54 4.19 -9.16
CA SER A 33 4.48 2.79 -9.59
C SER A 33 3.09 2.20 -9.34
N ASN A 34 2.10 3.07 -9.26
CA ASN A 34 0.72 2.63 -9.02
C ASN A 34 -0.25 3.42 -9.89
N PRO A 35 -0.18 3.21 -11.20
CA PRO A 35 -1.05 3.89 -12.17
C PRO A 35 -2.50 3.42 -12.07
N GLN A 36 -2.80 2.30 -12.73
CA GLN A 36 -4.14 1.75 -12.72
C GLN A 36 -4.46 1.12 -11.38
N LEU A 37 -3.48 0.43 -10.79
CA LEU A 37 -3.66 -0.22 -9.50
C LEU A 37 -3.88 0.81 -8.40
N MET A 38 -3.78 2.09 -8.76
CA MET A 38 -3.98 3.17 -7.80
C MET A 38 -5.25 2.95 -7.00
N ALA A 39 -6.24 2.30 -7.61
CA ALA A 39 -7.50 2.03 -6.95
C ALA A 39 -7.45 0.72 -6.17
N ALA A 40 -6.72 -0.25 -6.70
CA ALA A 40 -6.59 -1.54 -6.06
C ALA A 40 -5.76 -1.44 -4.78
N PHE A 41 -4.90 -0.44 -4.72
CA PHE A 41 -4.04 -0.22 -3.55
C PHE A 41 -4.87 0.13 -2.33
N ILE A 42 -5.98 0.83 -2.56
CA ILE A 42 -6.87 1.23 -1.47
C ILE A 42 -7.64 0.04 -0.92
N LYS A 43 -8.01 -0.88 -1.81
CA LYS A 43 -8.75 -2.07 -1.41
C LYS A 43 -7.96 -2.90 -0.40
N GLN A 44 -6.65 -2.95 -0.60
CA GLN A 44 -5.78 -3.72 0.29
C GLN A 44 -5.69 -3.05 1.66
N ARG A 45 -5.71 -1.72 1.67
CA ARG A 45 -5.64 -0.96 2.92
C ARG A 45 -6.92 -1.11 3.72
N SER A 46 -8.05 -1.21 3.02
CA SER A 46 -9.35 -1.35 3.67
C SER A 46 -9.62 -2.80 4.04
N GLN A 47 -9.17 -3.72 3.18
CA GLN A 47 -9.36 -5.15 3.42
C GLN A 47 -8.19 -5.95 2.86
N HIS A 48 -7.38 -6.50 3.76
CA HIS A 48 -6.23 -7.30 3.36
C HIS A 48 -6.33 -8.73 3.90
N GLN A 49 -7.41 -9.41 3.54
CA GLN A 49 -7.63 -10.78 4.00
C GLN A 49 -7.08 -11.79 2.99
N GLN A 50 -6.60 -12.91 3.49
CA GLN A 50 -6.04 -13.95 2.63
C GLN A 50 -6.61 -15.33 2.99
N GLY A 1 1.34 -10.09 -16.54
CA GLY A 1 0.22 -9.55 -15.79
C GLY A 1 0.25 -9.97 -14.33
N SER A 2 -0.93 -10.08 -13.73
CA SER A 2 -1.03 -10.48 -12.33
C SER A 2 -0.33 -9.48 -11.42
N THR A 3 -0.47 -9.66 -10.11
CA THR A 3 0.15 -8.77 -9.15
C THR A 3 0.77 -9.56 -8.00
N PRO A 4 1.94 -9.09 -7.52
CA PRO A 4 2.66 -9.73 -6.42
C PRO A 4 1.94 -9.58 -5.09
N PRO A 5 1.43 -10.70 -4.55
CA PRO A 5 0.72 -10.73 -3.27
C PRO A 5 1.64 -10.46 -2.09
N GLN A 6 2.88 -10.93 -2.19
CA GLN A 6 3.85 -10.74 -1.13
C GLN A 6 4.21 -9.26 -0.96
N ALA A 7 4.25 -8.55 -2.08
CA ALA A 7 4.59 -7.13 -2.08
C ALA A 7 3.64 -6.36 -1.17
N LEU A 8 2.38 -6.80 -1.11
CA LEU A 8 1.38 -6.15 -0.28
C LEU A 8 1.76 -6.22 1.19
N GLN A 9 1.72 -7.43 1.75
CA GLN A 9 2.05 -7.64 3.15
C GLN A 9 3.50 -7.24 3.43
N GLN A 10 4.32 -7.21 2.38
CA GLN A 10 5.72 -6.85 2.52
C GLN A 10 5.86 -5.44 3.08
N LEU A 11 4.95 -4.56 2.69
CA LEU A 11 4.97 -3.17 3.16
C LEU A 11 4.06 -3.00 4.37
N LEU A 12 4.00 -4.01 5.22
CA LEU A 12 3.16 -3.96 6.41
C LEU A 12 3.42 -2.69 7.22
N GLN A 13 4.65 -2.18 7.13
CA GLN A 13 5.02 -0.96 7.84
C GLN A 13 4.10 0.19 7.45
N THR A 14 4.04 0.48 6.15
CA THR A 14 3.20 1.57 5.65
C THR A 14 1.72 1.26 5.84
N LEU A 15 1.33 0.05 5.46
CA LEU A 15 -0.06 -0.37 5.59
C LEU A 15 -0.52 -0.32 7.05
N LYS A 16 0.40 -0.63 7.96
CA LYS A 16 0.11 -0.61 9.39
C LYS A 16 -0.53 0.71 9.80
N SER A 17 -0.06 1.80 9.19
CA SER A 17 -0.58 3.13 9.50
C SER A 17 -1.73 3.48 8.56
N PRO A 18 -2.62 4.37 9.02
CA PRO A 18 -3.77 4.83 8.25
C PRO A 18 -3.37 5.70 7.06
N SER A 19 -4.27 5.86 6.10
CA SER A 19 -4.01 6.66 4.92
C SER A 19 -4.10 8.15 5.25
N SER A 20 -3.32 8.57 6.25
CA SER A 20 -3.30 9.97 6.67
C SER A 20 -3.00 10.89 5.49
N PRO A 21 -3.34 12.17 5.64
CA PRO A 21 -3.11 13.18 4.59
C PRO A 21 -1.63 13.49 4.40
N GLN A 22 -0.91 13.58 5.51
CA GLN A 22 0.52 13.88 5.47
C GLN A 22 1.29 12.73 4.81
N GLN A 23 1.13 11.53 5.35
CA GLN A 23 1.82 10.36 4.83
C GLN A 23 1.39 10.09 3.39
N GLN A 24 0.17 10.49 3.06
CA GLN A 24 -0.35 10.28 1.71
C GLN A 24 0.55 10.92 0.66
N GLN A 25 1.13 12.07 1.01
CA GLN A 25 2.01 12.78 0.09
C GLN A 25 3.27 11.96 -0.20
N GLN A 26 3.76 11.26 0.82
CA GLN A 26 4.95 10.43 0.67
C GLN A 26 4.62 9.13 -0.07
N VAL A 27 3.68 8.37 0.47
CA VAL A 27 3.28 7.10 -0.15
C VAL A 27 2.93 7.29 -1.62
N LEU A 28 2.41 8.48 -1.95
CA LEU A 28 2.03 8.79 -3.33
C LEU A 28 3.16 8.43 -4.29
N GLN A 29 4.40 8.62 -3.83
CA GLN A 29 5.56 8.32 -4.65
C GLN A 29 5.61 6.84 -5.02
N ILE A 30 5.20 5.99 -4.09
CA ILE A 30 5.18 4.55 -4.31
C ILE A 30 4.50 4.21 -5.63
N LEU A 31 3.41 4.90 -5.92
CA LEU A 31 2.67 4.67 -7.16
C LEU A 31 3.59 4.69 -8.36
N LYS A 32 4.62 5.53 -8.30
CA LYS A 32 5.59 5.65 -9.39
C LYS A 32 6.10 4.27 -9.82
N SER A 33 6.35 3.40 -8.84
CA SER A 33 6.84 2.06 -9.11
C SER A 33 5.80 1.01 -8.73
N ASN A 34 4.53 1.40 -8.75
CA ASN A 34 3.44 0.50 -8.40
C ASN A 34 2.19 0.82 -9.22
N PRO A 35 2.20 0.38 -10.49
CA PRO A 35 1.07 0.61 -11.40
C PRO A 35 -0.15 -0.22 -11.02
N GLN A 36 0.06 -1.53 -10.85
CA GLN A 36 -1.04 -2.43 -10.49
C GLN A 36 -1.39 -2.28 -9.01
N LEU A 37 -0.37 -2.13 -8.17
CA LEU A 37 -0.57 -1.99 -6.74
C LEU A 37 -1.40 -0.73 -6.43
N MET A 38 -1.56 0.12 -7.43
CA MET A 38 -2.33 1.35 -7.27
C MET A 38 -3.67 1.06 -6.63
N ALA A 39 -4.17 -0.16 -6.82
CA ALA A 39 -5.45 -0.56 -6.25
C ALA A 39 -5.28 -1.56 -5.12
N ALA A 40 -4.25 -2.40 -5.24
CA ALA A 40 -3.97 -3.42 -4.23
C ALA A 40 -3.51 -2.77 -2.92
N PHE A 41 -2.68 -1.73 -3.04
CA PHE A 41 -2.17 -1.04 -1.87
C PHE A 41 -3.29 -0.33 -1.13
N ILE A 42 -4.25 0.20 -1.88
CA ILE A 42 -5.39 0.90 -1.29
C ILE A 42 -6.36 -0.07 -0.64
N LYS A 43 -6.59 -1.20 -1.29
CA LYS A 43 -7.50 -2.21 -0.78
C LYS A 43 -6.97 -2.80 0.53
N GLN A 44 -5.70 -3.15 0.54
CA GLN A 44 -5.07 -3.72 1.72
C GLN A 44 -4.94 -2.68 2.82
N ARG A 45 -4.67 -1.43 2.43
CA ARG A 45 -4.51 -0.34 3.39
C ARG A 45 -5.85 0.02 4.01
N SER A 46 -6.92 -0.11 3.23
CA SER A 46 -8.26 0.21 3.71
C SER A 46 -8.85 -0.96 4.49
N GLN A 47 -8.96 -2.11 3.83
CA GLN A 47 -9.50 -3.30 4.45
C GLN A 47 -8.41 -4.13 5.13
N HIS A 48 -7.99 -3.69 6.31
CA HIS A 48 -6.94 -4.37 7.05
C HIS A 48 -7.43 -4.76 8.44
N GLN A 49 -8.03 -5.95 8.54
CA GLN A 49 -8.54 -6.44 9.81
C GLN A 49 -8.40 -7.95 9.92
N GLN A 50 -8.96 -8.52 10.98
CA GLN A 50 -8.89 -9.97 11.19
C GLN A 50 -10.27 -10.53 11.52
N GLY A 1 12.41 -21.83 0.08
CA GLY A 1 11.04 -21.74 -0.38
C GLY A 1 10.83 -20.56 -1.31
N SER A 2 9.56 -20.28 -1.62
CA SER A 2 9.22 -19.17 -2.51
C SER A 2 8.80 -17.94 -1.71
N THR A 3 9.03 -16.77 -2.29
CA THR A 3 8.67 -15.52 -1.63
C THR A 3 7.32 -15.01 -2.11
N PRO A 4 6.54 -14.45 -1.18
CA PRO A 4 5.20 -13.92 -1.48
C PRO A 4 5.27 -12.65 -2.33
N PRO A 5 4.80 -12.75 -3.57
CA PRO A 5 4.79 -11.63 -4.52
C PRO A 5 3.78 -10.56 -4.12
N GLN A 6 2.62 -10.98 -3.63
CA GLN A 6 1.57 -10.06 -3.22
C GLN A 6 2.04 -9.19 -2.06
N ALA A 7 2.72 -9.80 -1.10
CA ALA A 7 3.23 -9.09 0.06
C ALA A 7 4.13 -7.93 -0.35
N LEU A 8 4.86 -8.12 -1.45
CA LEU A 8 5.76 -7.10 -1.96
C LEU A 8 4.99 -5.85 -2.39
N GLN A 9 4.20 -5.99 -3.44
CA GLN A 9 3.40 -4.87 -3.96
C GLN A 9 2.41 -4.39 -2.91
N GLN A 10 2.10 -5.26 -1.95
CA GLN A 10 1.17 -4.92 -0.88
C GLN A 10 1.69 -3.75 -0.04
N LEU A 11 3.01 -3.71 0.14
CA LEU A 11 3.64 -2.66 0.93
C LEU A 11 3.09 -2.65 2.35
N LEU A 12 3.28 -3.76 3.06
CA LEU A 12 2.81 -3.88 4.44
C LEU A 12 3.35 -2.73 5.29
N GLN A 13 4.51 -2.21 4.91
CA GLN A 13 5.13 -1.11 5.64
C GLN A 13 4.19 0.08 5.73
N THR A 14 3.74 0.56 4.58
CA THR A 14 2.82 1.70 4.53
C THR A 14 1.47 1.35 5.12
N LEU A 15 0.91 0.22 4.69
CA LEU A 15 -0.38 -0.23 5.19
C LEU A 15 -0.37 -0.40 6.71
N LYS A 16 0.78 -0.84 7.22
CA LYS A 16 0.92 -1.04 8.66
C LYS A 16 0.53 0.21 9.43
N SER A 17 0.93 1.37 8.91
CA SER A 17 0.62 2.64 9.55
C SER A 17 -0.66 3.24 8.97
N PRO A 18 -1.28 4.17 9.73
CA PRO A 18 -2.51 4.83 9.32
C PRO A 18 -2.29 5.80 8.16
N SER A 19 -3.37 6.11 7.44
CA SER A 19 -3.29 7.02 6.31
C SER A 19 -3.16 8.46 6.77
N SER A 20 -2.15 8.72 7.60
CA SER A 20 -1.92 10.06 8.12
C SER A 20 -1.81 11.08 6.98
N PRO A 21 -2.01 12.36 7.31
CA PRO A 21 -1.94 13.46 6.34
C PRO A 21 -0.52 13.70 5.85
N GLN A 22 0.44 13.64 6.77
CA GLN A 22 1.84 13.85 6.43
C GLN A 22 2.36 12.74 5.53
N GLN A 23 2.24 11.50 5.99
CA GLN A 23 2.69 10.34 5.22
C GLN A 23 1.93 10.22 3.91
N GLN A 24 0.70 10.73 3.90
CA GLN A 24 -0.13 10.67 2.71
C GLN A 24 0.57 11.33 1.52
N GLN A 25 1.33 12.38 1.80
CA GLN A 25 2.06 13.10 0.75
C GLN A 25 3.15 12.22 0.16
N GLN A 26 3.70 11.33 0.98
CA GLN A 26 4.78 10.44 0.53
C GLN A 26 4.21 9.31 -0.33
N VAL A 27 3.14 8.69 0.14
CA VAL A 27 2.50 7.59 -0.58
C VAL A 27 2.22 7.99 -2.03
N LEU A 28 1.97 9.27 -2.24
CA LEU A 28 1.67 9.78 -3.58
C LEU A 28 2.73 9.31 -4.59
N GLN A 29 3.98 9.30 -4.15
CA GLN A 29 5.08 8.86 -5.00
C GLN A 29 4.89 7.42 -5.45
N ILE A 30 4.41 6.58 -4.55
CA ILE A 30 4.18 5.17 -4.85
C ILE A 30 3.36 5.01 -6.13
N LEU A 31 2.35 5.87 -6.29
CA LEU A 31 1.50 5.82 -7.46
C LEU A 31 2.33 5.87 -8.74
N LYS A 32 3.45 6.58 -8.70
CA LYS A 32 4.33 6.71 -9.84
C LYS A 32 4.64 5.34 -10.44
N SER A 33 4.86 4.35 -9.57
CA SER A 33 5.18 3.00 -10.01
C SER A 33 4.07 2.03 -9.62
N ASN A 34 2.86 2.57 -9.46
CA ASN A 34 1.71 1.75 -9.07
C ASN A 34 0.42 2.31 -9.68
N PRO A 35 0.22 2.07 -10.97
CA PRO A 35 -0.97 2.54 -11.69
C PRO A 35 -2.24 1.81 -11.27
N GLN A 36 -2.19 0.49 -11.30
CA GLN A 36 -3.34 -0.33 -10.90
C GLN A 36 -3.48 -0.37 -9.39
N LEU A 37 -2.35 -0.49 -8.69
CA LEU A 37 -2.36 -0.54 -7.24
C LEU A 37 -2.96 0.73 -6.64
N MET A 38 -3.09 1.75 -7.47
CA MET A 38 -3.66 3.03 -7.04
C MET A 38 -4.97 2.81 -6.31
N ALA A 39 -5.67 1.72 -6.67
CA ALA A 39 -6.95 1.41 -6.05
C ALA A 39 -6.79 0.32 -4.99
N ALA A 40 -5.84 -0.58 -5.21
CA ALA A 40 -5.58 -1.67 -4.27
C ALA A 40 -4.98 -1.15 -2.97
N PHE A 41 -4.23 -0.05 -3.07
CA PHE A 41 -3.59 0.55 -1.91
C PHE A 41 -4.65 1.10 -0.95
N ILE A 42 -5.75 1.60 -1.50
CA ILE A 42 -6.81 2.16 -0.69
C ILE A 42 -7.66 1.06 -0.06
N LYS A 43 -7.94 0.01 -0.83
CA LYS A 43 -8.73 -1.10 -0.36
C LYS A 43 -8.03 -1.81 0.80
N GLN A 44 -6.75 -2.11 0.61
CA GLN A 44 -5.97 -2.79 1.65
C GLN A 44 -5.75 -1.88 2.85
N ARG A 45 -5.58 -0.58 2.59
CA ARG A 45 -5.36 0.40 3.65
C ARG A 45 -6.63 0.60 4.47
N SER A 46 -7.78 0.51 3.82
CA SER A 46 -9.06 0.68 4.49
C SER A 46 -9.51 -0.61 5.15
N GLN A 47 -9.64 -1.67 4.36
CA GLN A 47 -10.07 -2.97 4.87
C GLN A 47 -8.86 -3.81 5.26
N HIS A 48 -8.42 -3.66 6.51
CA HIS A 48 -7.27 -4.41 7.02
C HIS A 48 -7.69 -5.33 8.15
N GLN A 49 -8.82 -6.02 7.96
CA GLN A 49 -9.33 -6.94 8.97
C GLN A 49 -8.81 -8.35 8.73
N GLN A 50 -8.62 -8.70 7.46
CA GLN A 50 -8.12 -10.02 7.10
C GLN A 50 -6.67 -9.96 6.63
N GLY A 1 11.83 -22.27 0.86
CA GLY A 1 12.88 -21.67 0.05
C GLY A 1 12.34 -20.71 -0.98
N SER A 2 11.32 -19.94 -0.60
CA SER A 2 10.70 -18.98 -1.50
C SER A 2 10.33 -17.70 -0.76
N THR A 3 9.72 -16.76 -1.48
CA THR A 3 9.31 -15.50 -0.89
C THR A 3 7.92 -15.09 -1.36
N PRO A 4 7.11 -14.54 -0.44
CA PRO A 4 5.75 -14.10 -0.74
C PRO A 4 5.72 -12.87 -1.65
N PRO A 5 5.24 -13.06 -2.89
CA PRO A 5 5.15 -11.98 -3.86
C PRO A 5 4.08 -10.94 -3.50
N GLN A 6 3.00 -11.42 -2.89
CA GLN A 6 1.90 -10.55 -2.49
C GLN A 6 2.36 -9.54 -1.44
N ALA A 7 3.17 -10.01 -0.50
CA ALA A 7 3.70 -9.15 0.56
C ALA A 7 4.44 -7.95 -0.03
N LEU A 8 5.12 -8.16 -1.13
CA LEU A 8 5.88 -7.11 -1.80
C LEU A 8 4.95 -6.00 -2.28
N GLN A 9 4.13 -6.30 -3.27
CA GLN A 9 3.18 -5.33 -3.82
C GLN A 9 2.21 -4.86 -2.74
N GLN A 10 2.09 -5.64 -1.68
CA GLN A 10 1.19 -5.29 -0.58
C GLN A 10 1.58 -3.97 0.05
N LEU A 11 2.88 -3.69 0.09
CA LEU A 11 3.40 -2.46 0.67
C LEU A 11 3.00 -2.34 2.13
N LEU A 12 3.12 -3.44 2.86
CA LEU A 12 2.78 -3.46 4.28
C LEU A 12 3.50 -2.35 5.04
N GLN A 13 4.66 -1.96 4.53
CA GLN A 13 5.46 -0.90 5.15
C GLN A 13 4.63 0.38 5.29
N THR A 14 4.10 0.87 4.18
CA THR A 14 3.30 2.09 4.18
C THR A 14 2.01 1.88 4.94
N LEU A 15 1.30 0.78 4.64
CA LEU A 15 0.05 0.48 5.30
C LEU A 15 0.23 0.38 6.81
N LYS A 16 1.39 -0.13 7.24
CA LYS A 16 1.69 -0.28 8.65
C LYS A 16 1.47 1.03 9.39
N SER A 17 1.88 2.14 8.78
CA SER A 17 1.73 3.46 9.38
C SER A 17 0.44 4.12 8.91
N PRO A 18 -0.04 5.10 9.69
CA PRO A 18 -1.26 5.84 9.37
C PRO A 18 -1.09 6.77 8.17
N SER A 19 -2.20 7.12 7.53
CA SER A 19 -2.16 7.99 6.37
C SER A 19 -1.93 9.44 6.80
N SER A 20 -0.84 9.66 7.53
CA SER A 20 -0.50 11.01 8.00
C SER A 20 -0.45 12.00 6.84
N PRO A 21 -0.55 13.30 7.16
CA PRO A 21 -0.51 14.36 6.15
C PRO A 21 0.87 14.53 5.53
N GLN A 22 1.91 14.44 6.37
CA GLN A 22 3.28 14.58 5.90
C GLN A 22 3.66 13.42 4.98
N GLN A 23 3.51 12.20 5.49
CA GLN A 23 3.84 11.01 4.71
C GLN A 23 2.98 10.90 3.46
N GLN A 24 1.77 11.47 3.54
CA GLN A 24 0.85 11.44 2.41
C GLN A 24 1.48 12.08 1.18
N GLN A 25 2.26 13.12 1.38
CA GLN A 25 2.92 13.81 0.29
C GLN A 25 3.93 12.90 -0.41
N GLN A 26 4.66 12.12 0.39
CA GLN A 26 5.66 11.20 -0.14
C GLN A 26 5.00 9.97 -0.75
N VAL A 27 4.18 9.29 0.04
CA VAL A 27 3.48 8.09 -0.41
C VAL A 27 2.74 8.36 -1.72
N LEU A 28 2.29 9.59 -1.90
CA LEU A 28 1.57 9.97 -3.11
C LEU A 28 2.33 9.53 -4.36
N GLN A 29 3.65 9.54 -4.27
CA GLN A 29 4.49 9.14 -5.40
C GLN A 29 4.25 7.69 -5.77
N ILE A 30 3.94 6.86 -4.78
CA ILE A 30 3.68 5.45 -5.01
C ILE A 30 2.62 5.25 -6.09
N LEU A 31 1.53 5.99 -5.97
CA LEU A 31 0.44 5.90 -6.94
C LEU A 31 0.96 6.07 -8.36
N LYS A 32 1.97 6.92 -8.52
CA LYS A 32 2.56 7.17 -9.82
C LYS A 32 2.90 5.86 -10.53
N SER A 33 3.42 4.90 -9.76
CA SER A 33 3.78 3.60 -10.31
C SER A 33 2.91 2.49 -9.73
N ASN A 34 1.73 2.88 -9.26
CA ASN A 34 0.79 1.92 -8.68
C ASN A 34 -0.65 2.33 -8.95
N PRO A 35 -1.12 2.11 -10.18
CA PRO A 35 -2.49 2.44 -10.59
C PRO A 35 -3.52 1.57 -9.92
N GLN A 36 -3.31 0.25 -9.99
CA GLN A 36 -4.24 -0.70 -9.39
C GLN A 36 -4.08 -0.74 -7.88
N LEU A 37 -2.83 -0.77 -7.42
CA LEU A 37 -2.54 -0.80 -5.99
C LEU A 37 -3.17 0.39 -5.28
N MET A 38 -3.49 1.43 -6.04
CA MET A 38 -4.10 2.63 -5.48
C MET A 38 -5.30 2.27 -4.61
N ALA A 39 -5.97 1.18 -4.95
CA ALA A 39 -7.14 0.74 -4.20
C ALA A 39 -6.75 -0.28 -3.13
N ALA A 40 -5.73 -1.08 -3.43
CA ALA A 40 -5.25 -2.09 -2.50
C ALA A 40 -4.53 -1.45 -1.31
N PHE A 41 -4.04 -0.24 -1.51
CA PHE A 41 -3.33 0.48 -0.46
C PHE A 41 -4.22 0.68 0.76
N ILE A 42 -5.50 0.89 0.53
CA ILE A 42 -6.46 1.08 1.62
C ILE A 42 -7.27 -0.18 1.88
N LYS A 43 -7.55 -0.93 0.80
CA LYS A 43 -8.31 -2.17 0.91
C LYS A 43 -7.54 -3.21 1.72
N GLN A 44 -6.23 -3.26 1.50
CA GLN A 44 -5.38 -4.22 2.20
C GLN A 44 -5.26 -3.85 3.68
N ARG A 45 -5.16 -2.56 3.95
CA ARG A 45 -5.04 -2.08 5.33
C ARG A 45 -6.34 -2.28 6.09
N SER A 46 -7.46 -2.17 5.39
CA SER A 46 -8.78 -2.33 6.00
C SER A 46 -9.15 -3.81 6.10
N GLN A 47 -8.74 -4.59 5.11
CA GLN A 47 -9.02 -6.01 5.08
C GLN A 47 -10.53 -6.26 5.05
N HIS A 48 -11.23 -5.48 4.22
CA HIS A 48 -12.68 -5.62 4.10
C HIS A 48 -13.06 -6.03 2.68
N GLN A 49 -12.33 -6.99 2.12
CA GLN A 49 -12.59 -7.46 0.77
C GLN A 49 -13.54 -8.65 0.80
N GLN A 50 -13.04 -9.79 1.25
CA GLN A 50 -13.84 -11.01 1.33
C GLN A 50 -14.24 -11.32 2.77
N GLY A 1 15.16 -21.13 0.46
CA GLY A 1 13.88 -21.54 -0.10
C GLY A 1 13.32 -20.51 -1.06
N SER A 2 12.14 -19.98 -0.74
CA SER A 2 11.49 -18.98 -1.58
C SER A 2 10.82 -17.90 -0.73
N THR A 3 10.92 -16.66 -1.18
CA THR A 3 10.33 -15.54 -0.46
C THR A 3 8.95 -15.20 -1.01
N PRO A 4 8.07 -14.72 -0.14
CA PRO A 4 6.70 -14.34 -0.51
C PRO A 4 6.66 -13.10 -1.39
N PRO A 5 6.27 -13.27 -2.66
CA PRO A 5 6.18 -12.17 -3.61
C PRO A 5 5.03 -11.21 -3.30
N GLN A 6 3.95 -11.75 -2.75
CA GLN A 6 2.78 -10.95 -2.40
C GLN A 6 3.13 -9.94 -1.31
N ALA A 7 3.92 -10.38 -0.33
CA ALA A 7 4.32 -9.52 0.78
C ALA A 7 5.03 -8.26 0.26
N LEU A 8 5.78 -8.41 -0.83
CA LEU A 8 6.50 -7.29 -1.42
C LEU A 8 5.53 -6.23 -1.92
N GLN A 9 4.78 -6.56 -2.96
CA GLN A 9 3.81 -5.63 -3.54
C GLN A 9 2.76 -5.23 -2.50
N GLN A 10 2.60 -6.05 -1.47
CA GLN A 10 1.63 -5.79 -0.41
C GLN A 10 1.98 -4.49 0.32
N LEU A 11 3.27 -4.24 0.50
CA LEU A 11 3.73 -3.04 1.19
C LEU A 11 3.04 -2.89 2.54
N LEU A 12 2.88 -4.00 3.24
CA LEU A 12 2.23 -3.99 4.56
C LEU A 12 2.89 -2.98 5.47
N GLN A 13 4.17 -2.73 5.25
CA GLN A 13 4.93 -1.78 6.07
C GLN A 13 4.26 -0.41 6.06
N THR A 14 4.01 0.11 4.85
CA THR A 14 3.37 1.41 4.71
C THR A 14 1.95 1.40 5.25
N LEU A 15 1.18 0.39 4.85
CA LEU A 15 -0.20 0.26 5.29
C LEU A 15 -0.28 0.11 6.80
N LYS A 16 0.74 -0.51 7.39
CA LYS A 16 0.80 -0.71 8.83
C LYS A 16 0.55 0.60 9.57
N SER A 17 1.05 1.69 8.99
CA SER A 17 0.89 3.01 9.61
C SER A 17 -0.38 3.69 9.10
N PRO A 18 -0.86 4.68 9.87
CA PRO A 18 -2.07 5.43 9.52
C PRO A 18 -1.86 6.34 8.32
N SER A 19 -2.96 6.71 7.67
CA SER A 19 -2.90 7.57 6.49
C SER A 19 -2.63 9.02 6.90
N SER A 20 -1.57 9.23 7.66
CA SER A 20 -1.20 10.57 8.12
C SER A 20 -1.06 11.52 6.94
N PRO A 21 -1.14 12.83 7.23
CA PRO A 21 -1.02 13.88 6.21
C PRO A 21 0.39 13.98 5.65
N GLN A 22 1.38 13.86 6.52
CA GLN A 22 2.78 13.94 6.12
C GLN A 22 3.16 12.76 5.22
N GLN A 23 2.93 11.55 5.72
CA GLN A 23 3.25 10.34 4.96
C GLN A 23 2.44 10.29 3.66
N GLN A 24 1.26 10.92 3.68
CA GLN A 24 0.40 10.93 2.50
C GLN A 24 1.13 11.53 1.30
N GLN A 25 1.88 12.60 1.54
CA GLN A 25 2.62 13.26 0.48
C GLN A 25 3.68 12.35 -0.10
N GLN A 26 4.25 11.49 0.75
CA GLN A 26 5.28 10.57 0.32
C GLN A 26 4.68 9.39 -0.44
N VAL A 27 3.77 8.67 0.22
CA VAL A 27 3.12 7.53 -0.41
C VAL A 27 2.51 7.89 -1.76
N LEU A 28 2.08 9.15 -1.87
CA LEU A 28 1.47 9.63 -3.11
C LEU A 28 2.35 9.28 -4.31
N GLN A 29 3.65 9.28 -4.11
CA GLN A 29 4.60 8.96 -5.17
C GLN A 29 4.40 7.53 -5.66
N ILE A 30 4.05 6.63 -4.74
CA ILE A 30 3.83 5.24 -5.09
C ILE A 30 2.89 5.10 -6.29
N LEU A 31 1.85 5.93 -6.30
CA LEU A 31 0.87 5.91 -7.38
C LEU A 31 1.57 6.00 -8.74
N LYS A 32 2.68 6.73 -8.78
CA LYS A 32 3.44 6.89 -10.01
C LYS A 32 3.70 5.55 -10.68
N SER A 33 3.97 4.53 -9.88
CA SER A 33 4.23 3.19 -10.39
C SER A 33 3.13 2.22 -9.98
N ASN A 34 1.93 2.76 -9.75
CA ASN A 34 0.78 1.95 -9.36
C ASN A 34 -0.52 2.57 -9.83
N PRO A 35 -0.79 2.44 -11.15
CA PRO A 35 -2.01 2.98 -11.76
C PRO A 35 -3.27 2.23 -11.32
N GLN A 36 -3.24 0.91 -11.46
CA GLN A 36 -4.37 0.08 -11.06
C GLN A 36 -4.44 -0.08 -9.55
N LEU A 37 -3.29 -0.29 -8.92
CA LEU A 37 -3.23 -0.45 -7.48
C LEU A 37 -3.73 0.79 -6.77
N MET A 38 -3.87 1.88 -7.52
CA MET A 38 -4.35 3.14 -6.95
C MET A 38 -5.63 2.92 -6.15
N ALA A 39 -6.36 1.88 -6.50
CA ALA A 39 -7.62 1.57 -5.82
C ALA A 39 -7.43 0.41 -4.84
N ALA A 40 -6.53 -0.51 -5.18
CA ALA A 40 -6.26 -1.66 -4.34
C ALA A 40 -5.55 -1.25 -3.05
N PHE A 41 -4.67 -0.26 -3.16
CA PHE A 41 -3.91 0.23 -2.01
C PHE A 41 -4.85 0.88 -0.98
N ILE A 42 -5.92 1.49 -1.47
CA ILE A 42 -6.90 2.14 -0.59
C ILE A 42 -7.77 1.11 0.11
N LYS A 43 -8.20 0.09 -0.64
CA LYS A 43 -9.04 -0.96 -0.09
C LYS A 43 -8.30 -1.75 0.99
N GLN A 44 -6.99 -1.91 0.80
CA GLN A 44 -6.16 -2.63 1.74
C GLN A 44 -6.04 -1.88 3.07
N ARG A 45 -5.66 -0.61 2.98
CA ARG A 45 -5.50 0.23 4.17
C ARG A 45 -6.86 0.54 4.79
N SER A 46 -7.91 0.53 3.96
CA SER A 46 -9.26 0.81 4.43
C SER A 46 -9.88 -0.43 5.06
N GLN A 47 -9.53 -1.59 4.53
CA GLN A 47 -10.07 -2.85 5.03
C GLN A 47 -9.03 -3.96 4.93
N HIS A 48 -8.49 -4.37 6.07
CA HIS A 48 -7.48 -5.43 6.11
C HIS A 48 -8.06 -6.70 6.71
N GLN A 49 -8.98 -7.33 5.98
CA GLN A 49 -9.60 -8.56 6.44
C GLN A 49 -9.85 -9.52 5.28
N GLN A 50 -10.52 -10.63 5.56
CA GLN A 50 -10.82 -11.62 4.54
C GLN A 50 -12.29 -12.02 4.59
N GLY A 1 14.86 -20.16 1.91
CA GLY A 1 15.07 -20.53 0.52
C GLY A 1 14.23 -19.70 -0.43
N SER A 2 12.91 -19.84 -0.33
CA SER A 2 12.00 -19.09 -1.20
C SER A 2 11.48 -17.85 -0.50
N THR A 3 10.93 -16.92 -1.28
CA THR A 3 10.39 -15.68 -0.73
C THR A 3 9.05 -15.33 -1.38
N PRO A 4 8.13 -14.80 -0.57
CA PRO A 4 6.79 -14.41 -1.04
C PRO A 4 6.84 -13.19 -1.94
N PRO A 5 6.52 -13.40 -3.23
CA PRO A 5 6.50 -12.32 -4.23
C PRO A 5 5.37 -11.34 -4.01
N GLN A 6 4.22 -11.85 -3.59
CA GLN A 6 3.05 -11.01 -3.34
C GLN A 6 3.33 -10.02 -2.21
N ALA A 7 3.98 -10.50 -1.15
CA ALA A 7 4.30 -9.66 -0.01
C ALA A 7 5.12 -8.44 -0.44
N LEU A 8 5.96 -8.63 -1.44
CA LEU A 8 6.80 -7.55 -1.94
C LEU A 8 5.95 -6.42 -2.53
N GLN A 9 5.29 -6.71 -3.64
CA GLN A 9 4.43 -5.72 -4.29
C GLN A 9 3.31 -5.28 -3.37
N GLN A 10 3.00 -6.11 -2.38
CA GLN A 10 1.93 -5.80 -1.43
C GLN A 10 2.25 -4.52 -0.65
N LEU A 11 3.53 -4.33 -0.35
CA LEU A 11 3.97 -3.15 0.39
C LEU A 11 3.26 -3.06 1.74
N LEU A 12 3.03 -4.21 2.36
CA LEU A 12 2.36 -4.26 3.65
C LEU A 12 3.01 -3.30 4.64
N GLN A 13 4.30 -3.07 4.47
CA GLN A 13 5.04 -2.15 5.34
C GLN A 13 4.37 -0.78 5.38
N THR A 14 4.04 -0.26 4.20
CA THR A 14 3.41 1.05 4.09
C THR A 14 2.03 1.04 4.73
N LEU A 15 1.22 0.06 4.37
CA LEU A 15 -0.13 -0.08 4.91
C LEU A 15 -0.10 -0.31 6.42
N LYS A 16 0.97 -0.95 6.89
CA LYS A 16 1.13 -1.23 8.32
C LYS A 16 0.95 0.03 9.14
N SER A 17 1.39 1.16 8.60
CA SER A 17 1.28 2.44 9.29
C SER A 17 -0.01 3.15 8.89
N PRO A 18 -0.44 4.11 9.74
CA PRO A 18 -1.66 4.89 9.50
C PRO A 18 -1.52 5.85 8.33
N SER A 19 -2.64 6.20 7.72
CA SER A 19 -2.64 7.11 6.57
C SER A 19 -2.42 8.55 7.03
N SER A 20 -1.32 8.77 7.75
CA SER A 20 -1.00 10.10 8.25
C SER A 20 -0.96 11.12 7.11
N PRO A 21 -1.08 12.41 7.47
CA PRO A 21 -1.06 13.50 6.50
C PRO A 21 0.31 13.70 5.87
N GLN A 22 1.36 13.59 6.69
CA GLN A 22 2.73 13.76 6.22
C GLN A 22 3.10 12.64 5.25
N GLN A 23 2.97 11.40 5.71
CA GLN A 23 3.30 10.24 4.88
C GLN A 23 2.43 10.19 3.64
N GLN A 24 1.23 10.75 3.73
CA GLN A 24 0.30 10.77 2.62
C GLN A 24 0.91 11.47 1.41
N GLN A 25 1.59 12.58 1.67
CA GLN A 25 2.23 13.35 0.60
C GLN A 25 3.32 12.53 -0.08
N GLN A 26 4.01 11.70 0.69
CA GLN A 26 5.08 10.86 0.16
C GLN A 26 4.51 9.67 -0.60
N VAL A 27 3.70 8.87 0.09
CA VAL A 27 3.08 7.70 -0.51
C VAL A 27 2.38 8.05 -1.81
N LEU A 28 1.84 9.27 -1.87
CA LEU A 28 1.14 9.73 -3.05
C LEU A 28 1.96 9.47 -4.32
N GLN A 29 3.28 9.56 -4.19
CA GLN A 29 4.18 9.33 -5.32
C GLN A 29 4.05 7.89 -5.81
N ILE A 30 3.88 6.96 -4.89
CA ILE A 30 3.75 5.55 -5.24
C ILE A 30 2.73 5.36 -6.36
N LEU A 31 1.65 6.13 -6.31
CA LEU A 31 0.59 6.04 -7.32
C LEU A 31 1.18 6.12 -8.72
N LYS A 32 2.26 6.88 -8.87
CA LYS A 32 2.92 7.04 -10.16
C LYS A 32 3.16 5.69 -10.82
N SER A 33 3.47 4.69 -10.02
CA SER A 33 3.71 3.35 -10.52
C SER A 33 2.65 2.36 -10.02
N ASN A 34 1.48 2.89 -9.70
CA ASN A 34 0.38 2.08 -9.21
C ASN A 34 -0.97 2.70 -9.55
N PRO A 35 -1.37 2.56 -10.82
CA PRO A 35 -2.64 3.11 -11.31
C PRO A 35 -3.85 2.37 -10.75
N GLN A 36 -3.84 1.04 -10.91
CA GLN A 36 -4.95 0.22 -10.42
C GLN A 36 -4.84 0.04 -8.90
N LEU A 37 -3.63 -0.16 -8.41
CA LEU A 37 -3.40 -0.36 -6.98
C LEU A 37 -3.85 0.88 -6.20
N MET A 38 -4.09 1.98 -6.90
CA MET A 38 -4.53 3.21 -6.27
C MET A 38 -5.71 2.95 -5.34
N ALA A 39 -6.47 1.91 -5.63
CA ALA A 39 -7.63 1.55 -4.83
C ALA A 39 -7.32 0.41 -3.88
N ALA A 40 -6.42 -0.48 -4.30
CA ALA A 40 -6.02 -1.62 -3.48
C ALA A 40 -5.18 -1.17 -2.29
N PHE A 41 -4.43 -0.09 -2.48
CA PHE A 41 -3.58 0.43 -1.42
C PHE A 41 -4.41 0.95 -0.25
N ILE A 42 -5.59 1.49 -0.57
CA ILE A 42 -6.48 2.01 0.46
C ILE A 42 -7.21 0.89 1.19
N LYS A 43 -7.63 -0.12 0.44
CA LYS A 43 -8.33 -1.26 1.02
C LYS A 43 -7.42 -2.02 1.98
N GLN A 44 -6.17 -2.21 1.59
CA GLN A 44 -5.21 -2.92 2.42
C GLN A 44 -4.86 -2.10 3.67
N ARG A 45 -4.82 -0.79 3.52
CA ARG A 45 -4.50 0.10 4.63
C ARG A 45 -5.64 0.13 5.65
N SER A 46 -6.86 0.01 5.15
CA SER A 46 -8.04 0.03 6.02
C SER A 46 -8.31 -1.35 6.60
N GLN A 47 -8.05 -2.38 5.80
CA GLN A 47 -8.27 -3.76 6.24
C GLN A 47 -9.72 -4.00 6.58
N HIS A 48 -10.62 -3.49 5.72
CA HIS A 48 -12.05 -3.65 5.94
C HIS A 48 -12.69 -4.43 4.79
N GLN A 49 -12.37 -5.72 4.70
CA GLN A 49 -12.91 -6.56 3.64
C GLN A 49 -13.14 -7.98 4.16
N GLN A 50 -14.17 -8.64 3.62
CA GLN A 50 -14.49 -10.01 4.02
C GLN A 50 -14.71 -10.89 2.81
N GLY A 1 14.49 -20.66 1.47
CA GLY A 1 14.41 -21.35 0.19
C GLY A 1 13.84 -20.47 -0.91
N SER A 2 12.73 -19.80 -0.61
CA SER A 2 12.09 -18.92 -1.58
C SER A 2 11.54 -17.66 -0.89
N THR A 3 11.42 -16.59 -1.66
CA THR A 3 10.93 -15.33 -1.13
C THR A 3 9.43 -15.17 -1.42
N PRO A 4 8.70 -14.59 -0.45
CA PRO A 4 7.26 -14.37 -0.57
C PRO A 4 6.92 -13.30 -1.60
N PRO A 5 6.30 -13.71 -2.72
CA PRO A 5 5.91 -12.80 -3.80
C PRO A 5 4.77 -11.87 -3.39
N GLN A 6 3.80 -12.41 -2.66
CA GLN A 6 2.65 -11.63 -2.21
C GLN A 6 3.10 -10.52 -1.26
N ALA A 7 4.01 -10.86 -0.35
CA ALA A 7 4.51 -9.90 0.62
C ALA A 7 5.00 -8.62 -0.07
N LEU A 8 5.55 -8.79 -1.27
CA LEU A 8 6.06 -7.66 -2.05
C LEU A 8 4.93 -6.69 -2.40
N GLN A 9 4.01 -7.15 -3.24
CA GLN A 9 2.88 -6.33 -3.66
C GLN A 9 2.03 -5.90 -2.46
N GLN A 10 2.20 -6.63 -1.35
CA GLN A 10 1.45 -6.32 -0.13
C GLN A 10 1.69 -4.88 0.31
N LEU A 11 2.94 -4.45 0.23
CA LEU A 11 3.31 -3.10 0.63
C LEU A 11 2.94 -2.84 2.08
N LEU A 12 3.27 -3.78 2.95
CA LEU A 12 2.97 -3.66 4.37
C LEU A 12 3.51 -2.34 4.92
N GLN A 13 4.61 -1.87 4.33
CA GLN A 13 5.24 -0.62 4.77
C GLN A 13 4.23 0.53 4.74
N THR A 14 3.65 0.76 3.57
CA THR A 14 2.67 1.83 3.41
C THR A 14 1.37 1.52 4.15
N LEU A 15 0.92 0.27 4.04
CA LEU A 15 -0.30 -0.16 4.71
C LEU A 15 -0.18 -0.02 6.22
N LYS A 16 1.05 -0.13 6.72
CA LYS A 16 1.30 -0.02 8.15
C LYS A 16 1.55 1.44 8.54
N SER A 17 1.24 2.36 7.62
CA SER A 17 1.44 3.77 7.87
C SER A 17 0.19 4.39 8.51
N PRO A 18 0.40 5.49 9.26
CA PRO A 18 -0.70 6.20 9.94
C PRO A 18 -1.62 6.92 8.96
N SER A 19 -2.83 7.23 9.41
CA SER A 19 -3.81 7.92 8.57
C SER A 19 -3.39 9.35 8.32
N SER A 20 -2.52 9.87 9.17
CA SER A 20 -2.03 11.25 9.04
C SER A 20 -1.58 11.52 7.61
N PRO A 21 -1.59 12.81 7.22
CA PRO A 21 -1.19 13.24 5.89
C PRO A 21 0.31 13.08 5.65
N GLN A 22 1.03 12.67 6.70
CA GLN A 22 2.47 12.48 6.61
C GLN A 22 2.82 11.41 5.60
N GLN A 23 2.27 10.21 5.80
CA GLN A 23 2.53 9.09 4.91
C GLN A 23 1.97 9.37 3.51
N GLN A 24 0.92 10.19 3.45
CA GLN A 24 0.29 10.53 2.19
C GLN A 24 1.30 11.18 1.24
N GLN A 25 2.21 11.98 1.80
CA GLN A 25 3.22 12.65 1.00
C GLN A 25 4.16 11.65 0.34
N GLN A 26 4.55 10.62 1.10
CA GLN A 26 5.44 9.58 0.60
C GLN A 26 4.69 8.63 -0.33
N VAL A 27 3.61 8.03 0.17
CA VAL A 27 2.82 7.11 -0.62
C VAL A 27 2.43 7.71 -1.97
N LEU A 28 2.23 9.02 -1.99
CA LEU A 28 1.86 9.72 -3.20
C LEU A 28 2.77 9.34 -4.36
N GLN A 29 4.05 9.14 -4.05
CA GLN A 29 5.03 8.76 -5.06
C GLN A 29 4.69 7.41 -5.68
N ILE A 30 4.22 6.50 -4.85
CA ILE A 30 3.84 5.16 -5.31
C ILE A 30 2.91 5.24 -6.51
N LEU A 31 2.00 6.19 -6.48
CA LEU A 31 1.04 6.38 -7.58
C LEU A 31 1.77 6.53 -8.91
N LYS A 32 2.96 7.13 -8.87
CA LYS A 32 3.76 7.34 -10.07
C LYS A 32 3.89 6.04 -10.86
N SER A 33 4.11 4.94 -10.15
CA SER A 33 4.26 3.63 -10.79
C SER A 33 3.12 2.71 -10.39
N ASN A 34 1.98 3.29 -10.03
CA ASN A 34 0.81 2.51 -9.63
C ASN A 34 -0.47 3.22 -10.04
N PRO A 35 -0.82 3.15 -11.32
CA PRO A 35 -2.02 3.78 -11.87
C PRO A 35 -3.30 3.09 -11.38
N GLN A 36 -3.36 1.78 -11.56
CA GLN A 36 -4.52 1.00 -11.15
C GLN A 36 -4.53 0.80 -9.64
N LEU A 37 -3.35 0.52 -9.07
CA LEU A 37 -3.22 0.30 -7.64
C LEU A 37 -3.67 1.53 -6.86
N MET A 38 -3.79 2.66 -7.55
CA MET A 38 -4.21 3.90 -6.92
C MET A 38 -5.49 3.69 -6.10
N ALA A 39 -6.30 2.72 -6.51
CA ALA A 39 -7.54 2.42 -5.82
C ALA A 39 -7.38 1.18 -4.92
N ALA A 40 -6.54 0.25 -5.35
CA ALA A 40 -6.31 -0.97 -4.59
C ALA A 40 -5.54 -0.68 -3.31
N PHE A 41 -4.72 0.36 -3.33
CA PHE A 41 -3.93 0.76 -2.17
C PHE A 41 -4.84 1.24 -1.04
N ILE A 42 -5.93 1.89 -1.41
CA ILE A 42 -6.87 2.41 -0.42
C ILE A 42 -7.72 1.29 0.17
N LYS A 43 -8.14 0.36 -0.67
CA LYS A 43 -8.94 -0.78 -0.23
C LYS A 43 -8.16 -1.66 0.75
N GLN A 44 -6.84 -1.72 0.55
CA GLN A 44 -5.99 -2.52 1.41
C GLN A 44 -5.91 -1.92 2.82
N ARG A 45 -5.65 -0.61 2.88
CA ARG A 45 -5.54 0.08 4.16
C ARG A 45 -6.91 0.19 4.83
N SER A 46 -7.97 0.18 4.02
CA SER A 46 -9.32 0.27 4.54
C SER A 46 -9.82 -1.09 5.03
N GLN A 47 -9.84 -2.06 4.13
CA GLN A 47 -10.29 -3.40 4.46
C GLN A 47 -9.13 -4.27 4.96
N HIS A 48 -8.73 -4.05 6.21
CA HIS A 48 -7.63 -4.81 6.80
C HIS A 48 -8.14 -5.75 7.88
N GLN A 49 -9.31 -6.33 7.65
CA GLN A 49 -9.91 -7.25 8.61
C GLN A 49 -9.51 -8.70 8.32
N GLN A 50 -10.06 -9.25 7.24
CA GLN A 50 -9.76 -10.62 6.85
C GLN A 50 -8.85 -10.65 5.63
N GLY A 1 16.25 -20.07 -0.17
CA GLY A 1 15.36 -20.86 -0.98
C GLY A 1 14.56 -20.03 -1.96
N SER A 2 13.49 -19.41 -1.47
CA SER A 2 12.64 -18.57 -2.31
C SER A 2 12.20 -17.32 -1.57
N THR A 3 11.39 -16.50 -2.23
CA THR A 3 10.91 -15.26 -1.64
C THR A 3 9.43 -15.05 -1.92
N PRO A 4 8.69 -14.55 -0.92
CA PRO A 4 7.25 -14.30 -1.04
C PRO A 4 6.94 -13.13 -1.99
N PRO A 5 6.33 -13.44 -3.14
CA PRO A 5 5.98 -12.43 -4.14
C PRO A 5 4.85 -11.52 -3.67
N GLN A 6 3.92 -12.09 -2.88
CA GLN A 6 2.79 -11.33 -2.37
C GLN A 6 3.27 -10.21 -1.43
N ALA A 7 4.25 -10.53 -0.60
CA ALA A 7 4.80 -9.56 0.34
C ALA A 7 5.29 -8.31 -0.39
N LEU A 8 5.83 -8.49 -1.59
CA LEU A 8 6.34 -7.39 -2.38
C LEU A 8 5.21 -6.43 -2.76
N GLN A 9 4.30 -6.90 -3.60
CA GLN A 9 3.17 -6.07 -4.04
C GLN A 9 2.31 -5.65 -2.85
N GLN A 10 2.42 -6.41 -1.75
CA GLN A 10 1.65 -6.10 -0.56
C GLN A 10 2.02 -4.74 0.00
N LEU A 11 3.33 -4.45 0.03
CA LEU A 11 3.81 -3.17 0.54
C LEU A 11 3.36 -2.96 1.99
N LEU A 12 3.31 -4.04 2.75
CA LEU A 12 2.89 -3.96 4.15
C LEU A 12 3.66 -2.87 4.89
N GLN A 13 4.89 -2.62 4.45
CA GLN A 13 5.72 -1.60 5.07
C GLN A 13 5.01 -0.25 5.12
N THR A 14 4.42 0.13 3.99
CA THR A 14 3.70 1.39 3.91
C THR A 14 2.47 1.39 4.81
N LEU A 15 1.68 0.33 4.71
CA LEU A 15 0.47 0.21 5.52
C LEU A 15 0.82 0.13 7.01
N LYS A 16 1.99 -0.40 7.31
CA LYS A 16 2.44 -0.53 8.69
C LYS A 16 2.32 0.80 9.42
N SER A 17 2.66 1.88 8.74
CA SER A 17 2.60 3.22 9.33
C SER A 17 1.26 3.88 9.01
N PRO A 18 0.87 4.84 9.86
CA PRO A 18 -0.39 5.57 9.69
C PRO A 18 -0.36 6.51 8.49
N SER A 19 -1.54 6.83 7.95
CA SER A 19 -1.65 7.71 6.80
C SER A 19 -1.43 9.16 7.20
N SER A 20 -0.29 9.43 7.83
CA SER A 20 0.05 10.78 8.28
C SER A 20 -0.03 11.76 7.12
N PRO A 21 -0.15 13.06 7.45
CA PRO A 21 -0.25 14.12 6.45
C PRO A 21 1.07 14.35 5.72
N GLN A 22 2.17 14.26 6.45
CA GLN A 22 3.50 14.46 5.86
C GLN A 22 3.82 13.34 4.87
N GLN A 23 3.73 12.10 5.34
CA GLN A 23 4.01 10.94 4.49
C GLN A 23 3.04 10.89 3.30
N GLN A 24 1.86 11.47 3.49
CA GLN A 24 0.85 11.48 2.44
C GLN A 24 1.41 12.13 1.17
N GLN A 25 2.14 13.22 1.34
CA GLN A 25 2.73 13.93 0.21
C GLN A 25 3.73 13.05 -0.53
N GLN A 26 4.46 12.23 0.22
CA GLN A 26 5.46 11.34 -0.36
C GLN A 26 4.79 10.14 -1.03
N VAL A 27 4.02 9.40 -0.25
CA VAL A 27 3.32 8.23 -0.76
C VAL A 27 2.53 8.56 -2.02
N LEU A 28 2.03 9.79 -2.09
CA LEU A 28 1.26 10.24 -3.25
C LEU A 28 1.97 9.90 -4.55
N GLN A 29 3.30 9.94 -4.51
CA GLN A 29 4.10 9.64 -5.70
C GLN A 29 3.87 8.20 -6.15
N ILE A 30 3.67 7.31 -5.20
CA ILE A 30 3.44 5.90 -5.50
C ILE A 30 2.35 5.74 -6.57
N LEU A 31 1.28 6.50 -6.42
CA LEU A 31 0.17 6.44 -7.36
C LEU A 31 0.66 6.60 -8.80
N LYS A 32 1.71 7.42 -8.97
CA LYS A 32 2.28 7.65 -10.28
C LYS A 32 2.56 6.34 -11.00
N SER A 33 3.08 5.36 -10.26
CA SER A 33 3.40 4.05 -10.82
C SER A 33 2.51 2.97 -10.22
N ASN A 34 1.34 3.38 -9.73
CA ASN A 34 0.40 2.44 -9.12
C ASN A 34 -1.04 2.84 -9.41
N PRO A 35 -1.48 2.59 -10.65
CA PRO A 35 -2.84 2.92 -11.08
C PRO A 35 -3.89 2.04 -10.42
N GLN A 36 -3.70 0.73 -10.49
CA GLN A 36 -4.62 -0.22 -9.89
C GLN A 36 -4.46 -0.28 -8.38
N LEU A 37 -3.20 -0.24 -7.93
CA LEU A 37 -2.90 -0.29 -6.51
C LEU A 37 -3.56 0.88 -5.77
N MET A 38 -3.96 1.90 -6.52
CA MET A 38 -4.60 3.08 -5.95
C MET A 38 -5.75 2.67 -5.04
N ALA A 39 -6.36 1.52 -5.33
CA ALA A 39 -7.47 1.02 -4.53
C ALA A 39 -7.01 -0.06 -3.57
N ALA A 40 -5.99 -0.81 -3.97
CA ALA A 40 -5.45 -1.88 -3.13
C ALA A 40 -4.69 -1.31 -1.94
N PHE A 41 -4.20 -0.08 -2.09
CA PHE A 41 -3.44 0.58 -1.04
C PHE A 41 -4.27 0.68 0.24
N ILE A 42 -5.56 0.93 0.08
CA ILE A 42 -6.47 1.06 1.22
C ILE A 42 -7.26 -0.23 1.44
N LYS A 43 -7.59 -0.91 0.35
CA LYS A 43 -8.35 -2.15 0.42
C LYS A 43 -7.53 -3.24 1.12
N GLN A 44 -6.24 -3.30 0.81
CA GLN A 44 -5.35 -4.30 1.40
C GLN A 44 -5.12 -4.00 2.88
N ARG A 45 -5.02 -2.70 3.20
CA ARG A 45 -4.79 -2.29 4.59
C ARG A 45 -6.02 -2.56 5.45
N SER A 46 -7.20 -2.41 4.85
CA SER A 46 -8.46 -2.63 5.56
C SER A 46 -8.80 -4.11 5.60
N GLN A 47 -8.93 -4.71 4.41
CA GLN A 47 -9.26 -6.12 4.31
C GLN A 47 -10.35 -6.51 5.31
N HIS A 48 -11.31 -5.61 5.50
CA HIS A 48 -12.41 -5.85 6.43
C HIS A 48 -13.75 -5.67 5.74
N GLN A 49 -13.82 -6.08 4.47
CA GLN A 49 -15.05 -5.97 3.70
C GLN A 49 -15.88 -7.24 3.81
N GLN A 50 -17.01 -7.27 3.12
CA GLN A 50 -17.90 -8.43 3.14
C GLN A 50 -18.31 -8.83 1.73
N GLY A 1 0.19 -10.42 -13.81
CA GLY A 1 -0.95 -11.12 -13.29
C GLY A 1 -1.09 -10.99 -11.78
N SER A 2 -0.61 -11.99 -11.05
CA SER A 2 -0.68 -11.97 -9.60
C SER A 2 0.64 -11.50 -8.98
N THR A 3 0.53 -10.72 -7.92
CA THR A 3 1.72 -10.20 -7.24
C THR A 3 2.11 -11.09 -6.05
N PRO A 4 3.40 -11.06 -5.71
CA PRO A 4 3.93 -11.86 -4.59
C PRO A 4 3.46 -11.36 -3.24
N PRO A 5 3.28 -12.28 -2.29
CA PRO A 5 2.83 -11.96 -0.94
C PRO A 5 3.88 -11.19 -0.14
N GLN A 6 5.15 -11.48 -0.40
CA GLN A 6 6.25 -10.82 0.28
C GLN A 6 6.26 -9.32 -0.02
N ALA A 7 5.99 -8.97 -1.27
CA ALA A 7 5.97 -7.58 -1.69
C ALA A 7 5.01 -6.76 -0.83
N LEU A 8 3.92 -7.39 -0.42
CA LEU A 8 2.92 -6.72 0.41
C LEU A 8 3.51 -6.32 1.76
N GLN A 9 3.82 -7.33 2.58
CA GLN A 9 4.40 -7.08 3.90
C GLN A 9 5.73 -6.34 3.78
N GLN A 10 6.33 -6.40 2.60
CA GLN A 10 7.61 -5.75 2.36
C GLN A 10 7.51 -4.25 2.63
N LEU A 11 6.35 -3.68 2.33
CA LEU A 11 6.12 -2.25 2.53
C LEU A 11 5.28 -2.01 3.77
N LEU A 12 5.49 -2.83 4.80
CA LEU A 12 4.75 -2.70 6.05
C LEU A 12 4.85 -1.28 6.61
N GLN A 13 5.94 -0.61 6.28
CA GLN A 13 6.15 0.76 6.75
C GLN A 13 4.99 1.66 6.33
N THR A 14 4.71 1.70 5.03
CA THR A 14 3.64 2.52 4.51
C THR A 14 2.28 2.03 5.00
N LEU A 15 2.05 0.72 4.89
CA LEU A 15 0.80 0.12 5.32
C LEU A 15 0.55 0.40 6.80
N LYS A 16 1.62 0.44 7.58
CA LYS A 16 1.52 0.69 9.01
C LYS A 16 1.64 2.18 9.31
N SER A 17 1.53 2.99 8.27
CA SER A 17 1.62 4.45 8.42
C SER A 17 0.24 5.05 8.67
N PRO A 18 0.22 6.27 9.23
CA PRO A 18 -1.03 6.98 9.53
C PRO A 18 -1.75 7.44 8.26
N SER A 19 -3.07 7.55 8.35
CA SER A 19 -3.88 7.98 7.22
C SER A 19 -3.71 9.48 6.96
N SER A 20 -2.99 10.14 7.86
CA SER A 20 -2.76 11.57 7.73
C SER A 20 -2.39 11.95 6.30
N PRO A 21 -2.70 13.20 5.91
CA PRO A 21 -2.41 13.70 4.57
C PRO A 21 -0.91 13.89 4.33
N GLN A 22 -0.19 14.17 5.41
CA GLN A 22 1.26 14.38 5.31
C GLN A 22 1.96 13.11 4.85
N GLN A 23 1.68 12.01 5.52
CA GLN A 23 2.29 10.73 5.18
C GLN A 23 1.85 10.26 3.80
N GLN A 24 0.66 10.71 3.38
CA GLN A 24 0.13 10.33 2.08
C GLN A 24 1.03 10.85 0.96
N GLN A 25 1.70 11.97 1.20
CA GLN A 25 2.59 12.57 0.22
C GLN A 25 3.73 11.60 -0.13
N GLN A 26 4.14 10.81 0.84
CA GLN A 26 5.21 9.84 0.64
C GLN A 26 4.74 8.64 -0.16
N VAL A 27 3.74 7.93 0.38
CA VAL A 27 3.19 6.76 -0.27
C VAL A 27 2.75 7.08 -1.70
N LEU A 28 2.29 8.32 -1.91
CA LEU A 28 1.84 8.76 -3.22
C LEU A 28 2.86 8.40 -4.29
N GLN A 29 4.14 8.47 -3.93
CA GLN A 29 5.21 8.16 -4.87
C GLN A 29 5.13 6.70 -5.32
N ILE A 30 4.80 5.82 -4.40
CA ILE A 30 4.69 4.40 -4.70
C ILE A 30 3.77 4.16 -5.90
N LEU A 31 2.69 4.94 -5.98
CA LEU A 31 1.74 4.82 -7.08
C LEU A 31 2.43 5.00 -8.42
N LYS A 32 3.48 5.82 -8.44
CA LYS A 32 4.23 6.07 -9.66
C LYS A 32 4.61 4.76 -10.35
N SER A 33 4.98 3.76 -9.55
CA SER A 33 5.36 2.46 -10.08
C SER A 33 4.37 1.39 -9.66
N ASN A 34 3.13 1.80 -9.38
CA ASN A 34 2.09 0.88 -8.97
C ASN A 34 0.71 1.38 -9.40
N PRO A 35 0.42 1.25 -10.70
CA PRO A 35 -0.86 1.69 -11.26
C PRO A 35 -2.02 0.81 -10.82
N GLN A 36 -1.87 -0.50 -10.96
CA GLN A 36 -2.90 -1.44 -10.57
C GLN A 36 -2.94 -1.62 -9.06
N LEU A 37 -1.76 -1.67 -8.44
CA LEU A 37 -1.66 -1.83 -6.99
C LEU A 37 -2.34 -0.67 -6.27
N MET A 38 -2.64 0.39 -7.01
CA MET A 38 -3.30 1.55 -6.43
C MET A 38 -4.53 1.14 -5.62
N ALA A 39 -5.16 0.04 -6.03
CA ALA A 39 -6.34 -0.46 -5.34
C ALA A 39 -5.96 -1.53 -4.31
N ALA A 40 -4.90 -2.27 -4.59
CA ALA A 40 -4.43 -3.32 -3.70
C ALA A 40 -3.82 -2.72 -2.43
N PHE A 41 -3.24 -1.53 -2.56
CA PHE A 41 -2.62 -0.85 -1.43
C PHE A 41 -3.66 -0.48 -0.38
N ILE A 42 -4.87 -0.16 -0.84
CA ILE A 42 -5.95 0.22 0.06
C ILE A 42 -6.54 -1.00 0.76
N LYS A 43 -6.63 -2.10 0.03
CA LYS A 43 -7.18 -3.34 0.57
C LYS A 43 -6.32 -3.86 1.72
N GLN A 44 -5.02 -3.95 1.48
CA GLN A 44 -4.08 -4.42 2.50
C GLN A 44 -3.96 -3.41 3.63
N ARG A 45 -4.03 -2.13 3.29
CA ARG A 45 -3.93 -1.07 4.28
C ARG A 45 -5.16 -1.02 5.17
N SER A 46 -6.32 -1.33 4.58
CA SER A 46 -7.57 -1.33 5.31
C SER A 46 -7.76 -2.63 6.08
N GLN A 47 -7.42 -3.74 5.44
CA GLN A 47 -7.55 -5.06 6.06
C GLN A 47 -9.01 -5.35 6.39
N HIS A 48 -9.91 -4.90 5.53
CA HIS A 48 -11.34 -5.12 5.73
C HIS A 48 -11.97 -5.74 4.48
N GLN A 49 -11.56 -6.96 4.17
CA GLN A 49 -12.09 -7.67 3.00
C GLN A 49 -13.29 -8.52 3.38
N GLN A 50 -14.23 -8.66 2.45
CA GLN A 50 -15.43 -9.45 2.68
C GLN A 50 -15.69 -10.41 1.53
N GLY A 1 12.47 -19.98 6.52
CA GLY A 1 12.04 -20.58 5.27
C GLY A 1 12.05 -19.59 4.12
N SER A 2 11.10 -19.74 3.20
CA SER A 2 11.01 -18.86 2.04
C SER A 2 9.97 -17.78 2.27
N THR A 3 10.19 -16.61 1.67
CA THR A 3 9.27 -15.49 1.81
C THR A 3 8.30 -15.44 0.64
N PRO A 4 7.05 -15.03 0.91
CA PRO A 4 6.00 -14.93 -0.11
C PRO A 4 6.25 -13.78 -1.07
N PRO A 5 6.03 -14.03 -2.37
CA PRO A 5 6.23 -13.02 -3.42
C PRO A 5 5.18 -11.92 -3.37
N GLN A 6 3.98 -12.27 -2.94
CA GLN A 6 2.90 -11.30 -2.83
C GLN A 6 3.21 -10.24 -1.78
N ALA A 7 3.89 -10.65 -0.72
CA ALA A 7 4.26 -9.73 0.35
C ALA A 7 4.95 -8.49 -0.20
N LEU A 8 5.70 -8.66 -1.28
CA LEU A 8 6.41 -7.55 -1.91
C LEU A 8 5.44 -6.50 -2.42
N GLN A 9 4.67 -6.85 -3.45
CA GLN A 9 3.70 -5.94 -4.03
C GLN A 9 2.65 -5.53 -3.00
N GLN A 10 2.49 -6.36 -1.97
CA GLN A 10 1.51 -6.08 -0.92
C GLN A 10 1.85 -4.78 -0.20
N LEU A 11 3.14 -4.51 -0.03
CA LEU A 11 3.59 -3.30 0.64
C LEU A 11 2.91 -3.16 2.01
N LEU A 12 3.12 -4.14 2.87
CA LEU A 12 2.55 -4.12 4.21
C LEU A 12 2.88 -2.82 4.93
N GLN A 13 4.02 -2.24 4.59
CA GLN A 13 4.47 -0.99 5.21
C GLN A 13 3.41 0.10 5.04
N THR A 14 3.05 0.37 3.78
CA THR A 14 2.06 1.39 3.47
C THR A 14 0.69 0.99 3.99
N LEU A 15 0.30 -0.26 3.76
CA LEU A 15 -0.99 -0.76 4.21
C LEU A 15 -1.10 -0.68 5.74
N LYS A 16 0.03 -0.87 6.42
CA LYS A 16 0.06 -0.82 7.88
C LYS A 16 0.43 0.58 8.37
N SER A 17 0.41 1.54 7.45
CA SER A 17 0.75 2.92 7.79
C SER A 17 -0.50 3.70 8.19
N PRO A 18 -0.30 4.77 8.97
CA PRO A 18 -1.39 5.62 9.43
C PRO A 18 -2.01 6.45 8.30
N SER A 19 -3.29 6.77 8.43
CA SER A 19 -3.99 7.54 7.42
C SER A 19 -3.56 9.01 7.47
N SER A 20 -2.75 9.35 8.48
CA SER A 20 -2.27 10.72 8.64
C SER A 20 -1.79 11.29 7.30
N PRO A 21 -1.82 12.62 7.19
CA PRO A 21 -1.39 13.32 5.97
C PRO A 21 0.12 13.24 5.76
N GLN A 22 0.85 13.08 6.86
CA GLN A 22 2.31 12.98 6.79
C GLN A 22 2.74 11.74 6.01
N GLN A 23 2.30 10.59 6.46
CA GLN A 23 2.64 9.32 5.82
C GLN A 23 2.08 9.27 4.40
N GLN A 24 0.97 9.99 4.18
CA GLN A 24 0.33 10.01 2.88
C GLN A 24 1.25 10.63 1.84
N GLN A 25 2.07 11.59 2.26
CA GLN A 25 3.01 12.25 1.37
C GLN A 25 4.01 11.26 0.78
N GLN A 26 4.36 10.25 1.58
CA GLN A 26 5.32 9.25 1.14
C GLN A 26 4.68 8.28 0.14
N VAL A 27 3.62 7.61 0.58
CA VAL A 27 2.92 6.65 -0.28
C VAL A 27 2.50 7.30 -1.59
N LEU A 28 2.18 8.60 -1.53
CA LEU A 28 1.77 9.35 -2.71
C LEU A 28 2.72 9.10 -3.87
N GLN A 29 4.01 8.96 -3.55
CA GLN A 29 5.03 8.72 -4.57
C GLN A 29 4.76 7.41 -5.31
N ILE A 30 4.29 6.41 -4.58
CA ILE A 30 4.00 5.11 -5.16
C ILE A 30 3.13 5.25 -6.41
N LEU A 31 2.18 6.18 -6.35
CA LEU A 31 1.27 6.41 -7.48
C LEU A 31 2.05 6.67 -8.76
N LYS A 32 3.21 7.30 -8.62
CA LYS A 32 4.06 7.61 -9.76
C LYS A 32 4.26 6.38 -10.63
N SER A 33 4.44 5.22 -10.00
CA SER A 33 4.64 3.98 -10.73
C SER A 33 3.48 3.02 -10.50
N ASN A 34 2.31 3.58 -10.19
CA ASN A 34 1.12 2.78 -9.95
C ASN A 34 -0.14 3.54 -10.36
N PRO A 35 -0.39 3.61 -11.67
CA PRO A 35 -1.56 4.30 -12.21
C PRO A 35 -2.86 3.57 -11.90
N GLN A 36 -2.91 2.29 -12.21
CA GLN A 36 -4.10 1.48 -11.96
C GLN A 36 -4.22 1.12 -10.49
N LEU A 37 -3.09 0.78 -9.88
CA LEU A 37 -3.05 0.42 -8.47
C LEU A 37 -3.56 1.57 -7.59
N MET A 38 -3.62 2.76 -8.18
CA MET A 38 -4.09 3.94 -7.46
C MET A 38 -5.42 3.66 -6.76
N ALA A 39 -6.18 2.73 -7.31
CA ALA A 39 -7.48 2.36 -6.74
C ALA A 39 -7.37 1.09 -5.91
N ALA A 40 -6.49 0.20 -6.32
CA ALA A 40 -6.29 -1.07 -5.61
C ALA A 40 -5.61 -0.84 -4.27
N PHE A 41 -4.80 0.21 -4.18
CA PHE A 41 -4.09 0.54 -2.95
C PHE A 41 -5.07 0.95 -1.85
N ILE A 42 -6.15 1.61 -2.25
CA ILE A 42 -7.17 2.05 -1.29
C ILE A 42 -8.02 0.87 -0.81
N LYS A 43 -8.29 -0.06 -1.72
CA LYS A 43 -9.09 -1.24 -1.39
C LYS A 43 -8.39 -2.08 -0.32
N GLN A 44 -7.12 -2.38 -0.54
CA GLN A 44 -6.35 -3.18 0.41
C GLN A 44 -6.11 -2.41 1.70
N ARG A 45 -5.93 -1.10 1.58
CA ARG A 45 -5.69 -0.25 2.74
C ARG A 45 -6.94 -0.13 3.60
N SER A 46 -8.10 -0.14 2.95
CA SER A 46 -9.37 -0.02 3.66
C SER A 46 -9.82 -1.39 4.19
N GLN A 47 -9.82 -2.38 3.30
CA GLN A 47 -10.23 -3.73 3.68
C GLN A 47 -9.04 -4.55 4.13
N HIS A 48 -8.66 -4.39 5.40
CA HIS A 48 -7.53 -5.12 5.96
C HIS A 48 -7.99 -6.07 7.07
N GLN A 49 -9.03 -5.67 7.79
CA GLN A 49 -9.57 -6.48 8.87
C GLN A 49 -8.53 -6.68 9.97
N GLN A 50 -8.98 -7.11 11.15
CA GLN A 50 -8.09 -7.34 12.28
C GLN A 50 -7.43 -6.05 12.72
N GLY A 1 10.16 -22.57 2.26
CA GLY A 1 11.17 -22.65 1.22
C GLY A 1 11.02 -21.55 0.19
N SER A 2 9.78 -21.20 -0.13
CA SER A 2 9.52 -20.16 -1.11
C SER A 2 9.20 -18.84 -0.43
N THR A 3 8.90 -17.82 -1.22
CA THR A 3 8.59 -16.49 -0.70
C THR A 3 7.40 -15.87 -1.43
N PRO A 4 6.53 -15.20 -0.67
CA PRO A 4 5.34 -14.56 -1.22
C PRO A 4 5.68 -13.34 -2.07
N PRO A 5 5.43 -13.45 -3.39
CA PRO A 5 5.71 -12.37 -4.34
C PRO A 5 4.77 -11.19 -4.17
N GLN A 6 3.53 -11.48 -3.77
CA GLN A 6 2.53 -10.43 -3.57
C GLN A 6 2.90 -9.54 -2.39
N ALA A 7 3.48 -10.15 -1.36
CA ALA A 7 3.90 -9.41 -0.18
C ALA A 7 4.84 -8.26 -0.54
N LEU A 8 5.65 -8.47 -1.56
CA LEU A 8 6.60 -7.46 -2.00
C LEU A 8 5.87 -6.21 -2.49
N GLN A 9 5.17 -6.34 -3.62
CA GLN A 9 4.43 -5.23 -4.19
C GLN A 9 3.35 -4.75 -3.23
N GLN A 10 2.95 -5.61 -2.31
CA GLN A 10 1.92 -5.27 -1.33
C GLN A 10 2.38 -4.11 -0.44
N LEU A 11 3.66 -4.09 -0.13
CA LEU A 11 4.23 -3.03 0.71
C LEU A 11 3.45 -2.90 2.01
N LEU A 12 3.20 -4.03 2.67
CA LEU A 12 2.46 -4.04 3.92
C LEU A 12 3.06 -3.04 4.91
N GLN A 13 4.36 -2.79 4.78
CA GLN A 13 5.05 -1.85 5.66
C GLN A 13 4.34 -0.50 5.67
N THR A 14 4.04 0.01 4.47
CA THR A 14 3.38 1.30 4.34
C THR A 14 1.97 1.25 4.93
N LEU A 15 1.21 0.22 4.56
CA LEU A 15 -0.15 0.07 5.05
C LEU A 15 -0.16 -0.13 6.56
N LYS A 16 0.90 -0.73 7.09
CA LYS A 16 1.01 -0.97 8.53
C LYS A 16 0.74 0.31 9.31
N SER A 17 1.17 1.45 8.76
CA SER A 17 0.98 2.73 9.42
C SER A 17 -0.32 3.39 8.96
N PRO A 18 -0.82 4.34 9.75
CA PRO A 18 -2.05 5.07 9.44
C PRO A 18 -1.89 6.01 8.26
N SER A 19 -2.99 6.28 7.56
CA SER A 19 -2.98 7.16 6.40
C SER A 19 -2.88 8.62 6.84
N SER A 20 -1.87 8.93 7.63
CA SER A 20 -1.66 10.29 8.12
C SER A 20 -1.60 11.28 6.95
N PRO A 21 -1.87 12.56 7.26
CA PRO A 21 -1.84 13.63 6.26
C PRO A 21 -0.43 13.92 5.76
N GLN A 22 0.53 13.93 6.67
CA GLN A 22 1.92 14.21 6.32
C GLN A 22 2.49 13.09 5.46
N GLN A 23 2.42 11.86 5.97
CA GLN A 23 2.93 10.70 5.24
C GLN A 23 2.18 10.51 3.92
N GLN A 24 0.93 10.96 3.89
CA GLN A 24 0.11 10.84 2.69
C GLN A 24 0.79 11.49 1.49
N GLN A 25 1.44 12.62 1.74
CA GLN A 25 2.13 13.35 0.68
C GLN A 25 3.27 12.52 0.10
N GLN A 26 3.88 11.68 0.94
CA GLN A 26 4.98 10.83 0.50
C GLN A 26 4.47 9.64 -0.30
N VAL A 27 3.62 8.84 0.33
CA VAL A 27 3.05 7.66 -0.32
C VAL A 27 2.41 8.03 -1.66
N LEU A 28 1.88 9.25 -1.74
CA LEU A 28 1.25 9.72 -2.97
C LEU A 28 2.15 9.48 -4.17
N GLN A 29 3.46 9.58 -3.96
CA GLN A 29 4.42 9.37 -5.03
C GLN A 29 4.35 7.94 -5.56
N ILE A 30 4.14 6.99 -4.65
CA ILE A 30 4.05 5.59 -5.02
C ILE A 30 3.09 5.39 -6.19
N LEU A 31 2.01 6.14 -6.20
CA LEU A 31 1.02 6.04 -7.25
C LEU A 31 1.67 6.15 -8.63
N LYS A 32 2.75 6.93 -8.71
CA LYS A 32 3.47 7.12 -9.96
C LYS A 32 3.76 5.78 -10.62
N SER A 33 4.04 4.77 -9.81
CA SER A 33 4.35 3.43 -10.31
C SER A 33 3.28 2.44 -9.89
N ASN A 34 2.08 2.94 -9.62
CA ASN A 34 0.97 2.09 -9.20
C ASN A 34 -0.37 2.70 -9.61
N PRO A 35 -0.70 2.57 -10.91
CA PRO A 35 -1.95 3.10 -11.46
C PRO A 35 -3.18 2.34 -10.96
N GLN A 36 -3.15 1.02 -11.13
CA GLN A 36 -4.25 0.17 -10.71
C GLN A 36 -4.23 -0.03 -9.19
N LEU A 37 -3.03 -0.21 -8.64
CA LEU A 37 -2.88 -0.42 -7.20
C LEU A 37 -3.40 0.79 -6.43
N MET A 38 -3.62 1.89 -7.13
CA MET A 38 -4.11 3.12 -6.50
C MET A 38 -5.33 2.82 -5.65
N ALA A 39 -6.06 1.77 -6.00
CA ALA A 39 -7.26 1.38 -5.26
C ALA A 39 -6.96 0.24 -4.29
N ALA A 40 -6.00 -0.61 -4.65
CA ALA A 40 -5.62 -1.74 -3.82
C ALA A 40 -4.88 -1.28 -2.57
N PHE A 41 -4.09 -0.22 -2.72
CA PHE A 41 -3.31 0.32 -1.60
C PHE A 41 -4.24 0.90 -0.54
N ILE A 42 -5.50 1.08 -0.89
CA ILE A 42 -6.49 1.63 0.03
C ILE A 42 -7.16 0.52 0.84
N LYS A 43 -7.48 -0.58 0.16
CA LYS A 43 -8.13 -1.72 0.81
C LYS A 43 -7.22 -2.32 1.89
N GLN A 44 -5.94 -2.46 1.56
CA GLN A 44 -4.97 -3.03 2.49
C GLN A 44 -4.73 -2.08 3.66
N ARG A 45 -4.76 -0.78 3.38
CA ARG A 45 -4.56 0.22 4.41
C ARG A 45 -5.73 0.28 5.38
N SER A 46 -6.93 0.04 4.85
CA SER A 46 -8.14 0.06 5.67
C SER A 46 -8.34 -1.28 6.38
N GLN A 47 -7.98 -2.36 5.70
CA GLN A 47 -8.13 -3.70 6.25
C GLN A 47 -9.59 -4.01 6.56
N HIS A 48 -10.45 -3.84 5.56
CA HIS A 48 -11.87 -4.10 5.71
C HIS A 48 -12.37 -5.05 4.63
N GLN A 49 -11.56 -6.05 4.31
CA GLN A 49 -11.91 -7.03 3.29
C GLN A 49 -12.61 -8.24 3.92
N GLN A 50 -11.83 -9.10 4.55
CA GLN A 50 -12.38 -10.30 5.18
C GLN A 50 -13.12 -11.16 4.17
N GLY A 1 7.55 -23.96 1.12
CA GLY A 1 8.86 -23.35 1.24
C GLY A 1 9.07 -22.23 0.23
N SER A 2 8.17 -21.25 0.23
CA SER A 2 8.26 -20.13 -0.69
C SER A 2 7.84 -18.82 -0.01
N THR A 3 8.40 -17.72 -0.47
CA THR A 3 8.09 -16.41 0.09
C THR A 3 7.01 -15.70 -0.72
N PRO A 4 6.10 -15.02 -0.03
CA PRO A 4 4.99 -14.28 -0.66
C PRO A 4 5.49 -13.06 -1.42
N PRO A 5 5.36 -13.10 -2.75
CA PRO A 5 5.79 -11.99 -3.62
C PRO A 5 4.89 -10.77 -3.49
N GLN A 6 3.61 -11.02 -3.22
CA GLN A 6 2.64 -9.93 -3.06
C GLN A 6 2.99 -9.07 -1.86
N ALA A 7 3.38 -9.72 -0.77
CA ALA A 7 3.75 -9.01 0.45
C ALA A 7 4.79 -7.93 0.18
N LEU A 8 5.69 -8.20 -0.77
CA LEU A 8 6.74 -7.26 -1.12
C LEU A 8 6.14 -5.98 -1.70
N GLN A 9 5.55 -6.10 -2.88
CA GLN A 9 4.95 -4.94 -3.55
C GLN A 9 3.83 -4.35 -2.70
N GLN A 10 3.30 -5.16 -1.79
CA GLN A 10 2.22 -4.71 -0.91
C GLN A 10 2.69 -3.56 -0.03
N LEU A 11 3.95 -3.61 0.40
CA LEU A 11 4.52 -2.56 1.24
C LEU A 11 3.71 -2.41 2.53
N LEU A 12 3.50 -3.53 3.23
CA LEU A 12 2.75 -3.52 4.48
C LEU A 12 3.28 -2.45 5.43
N GLN A 13 4.58 -2.16 5.33
CA GLN A 13 5.21 -1.16 6.16
C GLN A 13 4.47 0.18 6.06
N THR A 14 4.20 0.60 4.84
CA THR A 14 3.50 1.86 4.60
C THR A 14 2.09 1.82 5.16
N LEU A 15 1.35 0.77 4.83
CA LEU A 15 -0.02 0.60 5.30
C LEU A 15 -0.06 0.48 6.82
N LYS A 16 0.99 -0.08 7.39
CA LYS A 16 1.09 -0.26 8.84
C LYS A 16 0.80 1.06 9.56
N SER A 17 1.27 2.16 9.00
CA SER A 17 1.07 3.47 9.59
C SER A 17 -0.19 4.12 9.04
N PRO A 18 -0.71 5.12 9.77
CA PRO A 18 -1.92 5.85 9.37
C PRO A 18 -1.69 6.74 8.16
N SER A 19 -2.76 7.05 7.44
CA SER A 19 -2.67 7.89 6.25
C SER A 19 -2.50 9.35 6.63
N SER A 20 -1.47 9.63 7.44
CA SER A 20 -1.20 10.99 7.88
C SER A 20 -1.06 11.94 6.69
N PRO A 21 -1.22 13.24 6.95
CA PRO A 21 -1.12 14.27 5.91
C PRO A 21 0.31 14.45 5.40
N GLN A 22 1.27 14.40 6.33
CA GLN A 22 2.67 14.55 5.97
C GLN A 22 3.16 13.37 5.15
N GLN A 23 2.99 12.16 5.69
CA GLN A 23 3.42 10.95 5.01
C GLN A 23 2.66 10.77 3.70
N GLN A 24 1.45 11.32 3.64
CA GLN A 24 0.63 11.21 2.45
C GLN A 24 1.36 11.76 1.23
N GLN A 25 2.16 12.80 1.44
CA GLN A 25 2.92 13.42 0.36
C GLN A 25 3.92 12.43 -0.23
N GLN A 26 4.44 11.54 0.61
CA GLN A 26 5.41 10.54 0.18
C GLN A 26 4.72 9.41 -0.58
N VAL A 27 3.80 8.74 0.10
CA VAL A 27 3.07 7.62 -0.52
C VAL A 27 2.45 8.04 -1.84
N LEU A 28 2.05 9.31 -1.93
CA LEU A 28 1.43 9.83 -3.14
C LEU A 28 2.27 9.47 -4.37
N GLN A 29 3.58 9.49 -4.21
CA GLN A 29 4.49 9.16 -5.30
C GLN A 29 4.28 7.73 -5.77
N ILE A 30 3.99 6.83 -4.84
CA ILE A 30 3.76 5.43 -5.16
C ILE A 30 2.76 5.28 -6.31
N LEU A 31 1.73 6.12 -6.29
CA LEU A 31 0.70 6.09 -7.32
C LEU A 31 1.33 6.15 -8.72
N LYS A 32 2.44 6.86 -8.82
CA LYS A 32 3.14 7.00 -10.10
C LYS A 32 3.36 5.63 -10.75
N SER A 33 3.70 4.64 -9.94
CA SER A 33 3.94 3.30 -10.43
C SER A 33 2.90 2.33 -9.89
N ASN A 34 1.73 2.86 -9.54
CA ASN A 34 0.65 2.04 -9.00
C ASN A 34 -0.71 2.60 -9.42
N PRO A 35 -1.05 2.43 -10.71
CA PRO A 35 -2.32 2.91 -11.25
C PRO A 35 -3.51 2.11 -10.73
N GLN A 36 -3.44 0.78 -10.86
CA GLN A 36 -4.51 -0.08 -10.39
C GLN A 36 -4.49 -0.22 -8.88
N LEU A 37 -3.29 -0.23 -8.31
CA LEU A 37 -3.13 -0.37 -6.87
C LEU A 37 -3.75 0.82 -6.14
N MET A 38 -4.17 1.82 -6.90
CA MET A 38 -4.79 3.01 -6.33
C MET A 38 -5.88 2.64 -5.33
N ALA A 39 -6.52 1.50 -5.57
CA ALA A 39 -7.58 1.03 -4.69
C ALA A 39 -7.09 -0.12 -3.81
N ALA A 40 -6.06 -0.82 -4.28
CA ALA A 40 -5.50 -1.94 -3.53
C ALA A 40 -4.73 -1.45 -2.31
N PHE A 41 -4.10 -0.29 -2.43
CA PHE A 41 -3.33 0.28 -1.34
C PHE A 41 -4.25 0.70 -0.19
N ILE A 42 -5.44 1.16 -0.53
CA ILE A 42 -6.42 1.58 0.47
C ILE A 42 -7.07 0.38 1.14
N LYS A 43 -7.37 -0.64 0.35
CA LYS A 43 -8.00 -1.86 0.87
C LYS A 43 -7.08 -2.56 1.87
N GLN A 44 -5.78 -2.45 1.64
CA GLN A 44 -4.80 -3.08 2.52
C GLN A 44 -4.79 -2.40 3.89
N ARG A 45 -4.73 -1.07 3.88
CA ARG A 45 -4.71 -0.30 5.12
C ARG A 45 -6.06 -0.37 5.83
N SER A 46 -7.12 -0.56 5.05
CA SER A 46 -8.47 -0.64 5.61
C SER A 46 -8.75 -2.05 6.13
N GLN A 47 -8.21 -3.05 5.46
CA GLN A 47 -8.40 -4.44 5.86
C GLN A 47 -9.88 -4.81 5.80
N HIS A 48 -10.47 -4.68 4.62
CA HIS A 48 -11.88 -5.00 4.43
C HIS A 48 -12.06 -5.99 3.28
N GLN A 49 -11.11 -6.90 3.13
CA GLN A 49 -11.17 -7.90 2.07
C GLN A 49 -11.83 -9.19 2.55
N GLN A 50 -11.81 -10.21 1.71
CA GLN A 50 -12.42 -11.49 2.05
C GLN A 50 -11.46 -12.64 1.77
N GLY A 1 18.29 -16.78 1.12
CA GLY A 1 17.78 -17.67 0.09
C GLY A 1 16.85 -16.97 -0.87
N SER A 2 15.57 -17.33 -0.82
CA SER A 2 14.57 -16.73 -1.70
C SER A 2 13.85 -15.59 -0.99
N THR A 3 13.40 -14.61 -1.77
CA THR A 3 12.69 -13.46 -1.22
C THR A 3 11.18 -13.66 -1.31
N PRO A 4 10.46 -13.22 -0.27
CA PRO A 4 9.00 -13.32 -0.21
C PRO A 4 8.31 -12.41 -1.21
N PRO A 5 7.67 -13.00 -2.22
CA PRO A 5 6.95 -12.25 -3.26
C PRO A 5 5.68 -11.58 -2.72
N GLN A 6 5.03 -12.24 -1.76
CA GLN A 6 3.81 -11.70 -1.17
C GLN A 6 4.09 -10.39 -0.44
N ALA A 7 5.21 -10.34 0.26
CA ALA A 7 5.60 -9.15 1.01
C ALA A 7 5.66 -7.94 0.10
N LEU A 8 6.09 -8.16 -1.14
CA LEU A 8 6.20 -7.07 -2.11
C LEU A 8 4.83 -6.46 -2.41
N GLN A 9 3.98 -7.24 -3.06
CA GLN A 9 2.64 -6.77 -3.41
C GLN A 9 1.84 -6.42 -2.15
N GLN A 10 2.27 -6.97 -1.01
CA GLN A 10 1.61 -6.71 0.26
C GLN A 10 1.67 -5.23 0.61
N LEU A 11 2.80 -4.60 0.34
CA LEU A 11 3.01 -3.20 0.63
C LEU A 11 2.83 -2.92 2.12
N LEU A 12 3.25 -3.87 2.95
CA LEU A 12 3.14 -3.74 4.40
C LEU A 12 3.76 -2.43 4.86
N GLN A 13 4.78 -1.96 4.15
CA GLN A 13 5.45 -0.72 4.48
C GLN A 13 4.46 0.45 4.52
N THR A 14 3.76 0.65 3.40
CA THR A 14 2.78 1.72 3.30
C THR A 14 1.60 1.48 4.24
N LEU A 15 1.10 0.25 4.27
CA LEU A 15 -0.02 -0.11 5.13
C LEU A 15 0.33 0.09 6.60
N LYS A 16 1.61 -0.11 6.92
CA LYS A 16 2.08 0.04 8.30
C LYS A 16 2.63 1.45 8.52
N SER A 17 2.36 2.35 7.57
CA SER A 17 2.84 3.72 7.67
C SER A 17 1.80 4.60 8.35
N PRO A 18 2.26 5.71 8.94
CA PRO A 18 1.38 6.67 9.63
C PRO A 18 0.48 7.44 8.67
N SER A 19 -0.70 7.80 9.14
CA SER A 19 -1.66 8.53 8.32
C SER A 19 -1.21 9.99 8.15
N SER A 20 -0.14 10.36 8.83
CA SER A 20 0.38 11.72 8.76
C SER A 20 0.41 12.22 7.32
N PRO A 21 0.44 13.54 7.14
CA PRO A 21 0.47 14.18 5.83
C PRO A 21 1.80 13.96 5.11
N GLN A 22 2.84 13.69 5.90
CA GLN A 22 4.17 13.46 5.35
C GLN A 22 4.19 12.24 4.44
N GLN A 23 3.68 11.12 4.95
CA GLN A 23 3.64 9.88 4.19
C GLN A 23 2.72 10.02 2.98
N GLN A 24 1.72 10.89 3.09
CA GLN A 24 0.78 11.12 1.99
C GLN A 24 1.49 11.69 0.77
N GLN A 25 2.42 12.61 1.01
CA GLN A 25 3.17 13.24 -0.07
C GLN A 25 4.01 12.22 -0.82
N GLN A 26 4.78 11.44 -0.06
CA GLN A 26 5.64 10.42 -0.65
C GLN A 26 4.81 9.31 -1.29
N VAL A 27 3.94 8.70 -0.50
CA VAL A 27 3.09 7.61 -0.99
C VAL A 27 2.34 8.05 -2.25
N LEU A 28 2.01 9.33 -2.32
CA LEU A 28 1.28 9.87 -3.47
C LEU A 28 1.94 9.43 -4.78
N GLN A 29 3.27 9.34 -4.77
CA GLN A 29 4.02 8.94 -5.95
C GLN A 29 3.63 7.52 -6.38
N ILE A 30 3.40 6.66 -5.40
CA ILE A 30 3.02 5.28 -5.69
C ILE A 30 1.86 5.21 -6.68
N LEU A 31 0.89 6.10 -6.50
CA LEU A 31 -0.28 6.15 -7.38
C LEU A 31 0.16 6.23 -8.84
N LYS A 32 1.26 6.92 -9.08
CA LYS A 32 1.78 7.08 -10.43
C LYS A 32 1.88 5.73 -11.15
N SER A 33 2.34 4.72 -10.42
CA SER A 33 2.48 3.38 -10.98
C SER A 33 1.54 2.39 -10.29
N ASN A 34 0.46 2.92 -9.73
CA ASN A 34 -0.53 2.10 -9.03
C ASN A 34 -1.93 2.65 -9.23
N PRO A 35 -2.49 2.42 -10.43
CA PRO A 35 -3.84 2.89 -10.77
C PRO A 35 -4.93 2.13 -10.02
N GLN A 36 -4.87 0.81 -10.09
CA GLN A 36 -5.85 -0.04 -9.41
C GLN A 36 -5.57 -0.10 -7.92
N LEU A 37 -4.28 -0.19 -7.56
CA LEU A 37 -3.89 -0.27 -6.16
C LEU A 37 -4.37 0.96 -5.39
N MET A 38 -4.71 2.01 -6.12
CA MET A 38 -5.19 3.25 -5.51
C MET A 38 -6.32 2.96 -4.52
N ALA A 39 -7.04 1.87 -4.76
CA ALA A 39 -8.15 1.48 -3.89
C ALA A 39 -7.74 0.34 -2.96
N ALA A 40 -6.88 -0.54 -3.46
CA ALA A 40 -6.41 -1.68 -2.67
C ALA A 40 -5.47 -1.22 -1.56
N PHE A 41 -4.89 -0.04 -1.73
CA PHE A 41 -3.96 0.50 -0.74
C PHE A 41 -4.65 0.65 0.61
N ILE A 42 -5.93 1.02 0.59
CA ILE A 42 -6.69 1.19 1.81
C ILE A 42 -7.59 -0.01 2.08
N LYS A 43 -8.11 -0.60 1.00
CA LYS A 43 -8.98 -1.77 1.11
C LYS A 43 -8.24 -2.96 1.71
N GLN A 44 -6.95 -3.08 1.36
CA GLN A 44 -6.13 -4.18 1.87
C GLN A 44 -5.85 -4.01 3.36
N ARG A 45 -5.62 -2.77 3.79
CA ARG A 45 -5.35 -2.49 5.19
C ARG A 45 -6.60 -2.68 6.04
N SER A 46 -7.77 -2.40 5.45
CA SER A 46 -9.03 -2.54 6.15
C SER A 46 -9.52 -3.99 6.12
N GLN A 47 -9.29 -4.65 4.99
CA GLN A 47 -9.71 -6.04 4.84
C GLN A 47 -11.09 -6.26 5.41
N HIS A 48 -11.97 -5.28 5.23
CA HIS A 48 -13.34 -5.37 5.73
C HIS A 48 -14.34 -5.39 4.57
N GLN A 49 -13.96 -6.04 3.48
CA GLN A 49 -14.83 -6.12 2.31
C GLN A 49 -15.66 -7.41 2.34
N GLN A 50 -15.00 -8.53 2.11
CA GLN A 50 -15.67 -9.83 2.10
C GLN A 50 -15.32 -10.62 3.36
N GLY A 1 15.41 -20.33 1.34
CA GLY A 1 14.01 -20.61 1.07
C GLY A 1 13.42 -19.67 0.03
N SER A 2 12.10 -19.65 -0.07
CA SER A 2 11.41 -18.80 -1.03
C SER A 2 10.93 -17.52 -0.36
N THR A 3 10.84 -16.45 -1.13
CA THR A 3 10.40 -15.15 -0.62
C THR A 3 8.91 -14.94 -0.88
N PRO A 4 8.22 -14.34 0.10
CA PRO A 4 6.78 -14.06 -0.01
C PRO A 4 6.47 -12.97 -1.03
N PRO A 5 5.81 -13.37 -2.13
CA PRO A 5 5.44 -12.45 -3.21
C PRO A 5 4.36 -11.48 -2.78
N GLN A 6 3.45 -11.94 -1.93
CA GLN A 6 2.36 -11.11 -1.44
C GLN A 6 2.89 -9.93 -0.63
N ALA A 7 3.89 -10.19 0.19
CA ALA A 7 4.48 -9.14 1.02
C ALA A 7 4.97 -7.98 0.16
N LEU A 8 5.46 -8.30 -1.03
CA LEU A 8 5.96 -7.27 -1.94
C LEU A 8 4.85 -6.32 -2.36
N GLN A 9 3.90 -6.84 -3.14
CA GLN A 9 2.77 -6.04 -3.60
C GLN A 9 1.95 -5.50 -2.43
N GLN A 10 2.09 -6.14 -1.27
CA GLN A 10 1.38 -5.72 -0.08
C GLN A 10 1.78 -4.32 0.35
N LEU A 11 3.05 -3.99 0.14
CA LEU A 11 3.58 -2.69 0.50
C LEU A 11 3.38 -2.41 1.99
N LEU A 12 3.88 -3.32 2.83
CA LEU A 12 3.77 -3.18 4.28
C LEU A 12 4.32 -1.83 4.73
N GLN A 13 5.26 -1.29 3.96
CA GLN A 13 5.88 -0.02 4.29
C GLN A 13 4.82 1.07 4.47
N THR A 14 4.00 1.28 3.44
CA THR A 14 2.95 2.28 3.47
C THR A 14 1.86 1.89 4.48
N LEU A 15 1.44 0.64 4.41
CA LEU A 15 0.40 0.14 5.33
C LEU A 15 0.83 0.30 6.78
N LYS A 16 2.13 0.20 7.03
CA LYS A 16 2.65 0.33 8.38
C LYS A 16 3.00 1.79 8.68
N SER A 17 2.54 2.69 7.83
CA SER A 17 2.79 4.12 8.00
C SER A 17 1.69 4.77 8.83
N PRO A 18 2.03 5.87 9.51
CA PRO A 18 1.09 6.61 10.36
C PRO A 18 0.03 7.34 9.53
N SER A 19 -1.11 7.62 10.16
CA SER A 19 -2.20 8.30 9.49
C SER A 19 -1.86 9.77 9.23
N SER A 20 -0.75 10.22 9.82
CA SER A 20 -0.31 11.60 9.67
C SER A 20 -0.36 12.02 8.20
N PRO A 21 -0.56 13.33 7.97
CA PRO A 21 -0.63 13.89 6.62
C PRO A 21 0.72 13.88 5.92
N GLN A 22 1.79 14.03 6.70
CA GLN A 22 3.13 14.04 6.15
C GLN A 22 3.48 12.69 5.54
N GLN A 23 3.41 11.64 6.35
CA GLN A 23 3.71 10.29 5.89
C GLN A 23 2.73 9.85 4.82
N GLN A 24 1.51 10.39 4.87
CA GLN A 24 0.48 10.05 3.89
C GLN A 24 0.90 10.46 2.48
N GLN A 25 1.56 11.61 2.38
CA GLN A 25 2.01 12.10 1.08
C GLN A 25 2.88 11.08 0.38
N GLN A 26 3.58 10.27 1.16
CA GLN A 26 4.46 9.23 0.61
C GLN A 26 3.70 8.33 -0.35
N VAL A 27 2.48 7.98 0.02
CA VAL A 27 1.64 7.12 -0.82
C VAL A 27 1.44 7.73 -2.20
N LEU A 28 1.37 9.05 -2.25
CA LEU A 28 1.18 9.76 -3.51
C LEU A 28 2.17 9.28 -4.57
N GLN A 29 3.43 9.18 -4.17
CA GLN A 29 4.48 8.73 -5.09
C GLN A 29 4.19 7.33 -5.59
N ILE A 30 3.72 6.46 -4.71
CA ILE A 30 3.41 5.08 -5.06
C ILE A 30 2.45 5.03 -6.26
N LEU A 31 1.42 5.87 -6.23
CA LEU A 31 0.45 5.92 -7.31
C LEU A 31 1.14 6.07 -8.66
N LYS A 32 2.25 6.81 -8.67
CA LYS A 32 3.01 7.03 -9.89
C LYS A 32 3.26 5.71 -10.62
N SER A 33 3.59 4.67 -9.86
CA SER A 33 3.85 3.36 -10.42
C SER A 33 2.80 2.35 -9.99
N ASN A 34 1.62 2.84 -9.65
CA ASN A 34 0.52 1.98 -9.22
C ASN A 34 -0.82 2.56 -9.65
N PRO A 35 -1.15 2.39 -10.93
CA PRO A 35 -2.42 2.88 -11.50
C PRO A 35 -3.62 2.10 -10.99
N GLN A 36 -3.56 0.78 -11.11
CA GLN A 36 -4.65 -0.07 -10.65
C GLN A 36 -4.64 -0.21 -9.14
N LEU A 37 -3.45 -0.35 -8.57
CA LEU A 37 -3.30 -0.49 -7.13
C LEU A 37 -3.87 0.72 -6.40
N MET A 38 -4.09 1.80 -7.14
CA MET A 38 -4.63 3.03 -6.57
C MET A 38 -5.87 2.74 -5.73
N ALA A 39 -6.58 1.67 -6.08
CA ALA A 39 -7.78 1.28 -5.36
C ALA A 39 -7.50 0.13 -4.40
N ALA A 40 -6.58 -0.75 -4.79
CA ALA A 40 -6.23 -1.90 -3.96
C ALA A 40 -5.48 -1.46 -2.71
N PHE A 41 -4.77 -0.34 -2.80
CA PHE A 41 -4.01 0.19 -1.68
C PHE A 41 -4.94 0.62 -0.55
N ILE A 42 -6.11 1.13 -0.91
CA ILE A 42 -7.09 1.58 0.06
C ILE A 42 -7.69 0.40 0.81
N LYS A 43 -7.98 -0.67 0.09
CA LYS A 43 -8.57 -1.87 0.69
C LYS A 43 -7.59 -2.51 1.68
N GLN A 44 -6.31 -2.42 1.37
CA GLN A 44 -5.28 -2.98 2.24
C GLN A 44 -5.18 -2.21 3.55
N ARG A 45 -5.12 -0.89 3.45
CA ARG A 45 -5.02 -0.03 4.63
C ARG A 45 -6.33 -0.04 5.41
N SER A 46 -7.43 -0.27 4.71
CA SER A 46 -8.75 -0.30 5.34
C SER A 46 -9.01 -1.66 5.98
N GLN A 47 -8.51 -2.71 5.35
CA GLN A 47 -8.70 -4.07 5.86
C GLN A 47 -10.18 -4.42 5.96
N HIS A 48 -10.95 -3.94 5.00
CA HIS A 48 -12.39 -4.20 4.97
C HIS A 48 -12.76 -5.07 3.77
N GLN A 49 -12.05 -6.17 3.60
CA GLN A 49 -12.30 -7.08 2.48
C GLN A 49 -13.28 -8.17 2.89
N GLN A 50 -13.87 -8.84 1.90
CA GLN A 50 -14.83 -9.90 2.16
C GLN A 50 -16.05 -9.37 2.87
N GLY A 1 2.50 -11.47 -15.55
CA GLY A 1 1.07 -11.67 -15.59
C GLY A 1 0.45 -11.69 -14.21
N SER A 2 1.18 -12.21 -13.23
CA SER A 2 0.69 -12.28 -11.86
C SER A 2 1.24 -11.13 -11.03
N THR A 3 0.88 -11.10 -9.75
CA THR A 3 1.32 -10.05 -8.84
C THR A 3 1.75 -10.63 -7.49
N PRO A 4 2.84 -10.08 -6.94
CA PRO A 4 3.37 -10.52 -5.65
C PRO A 4 2.45 -10.15 -4.48
N PRO A 5 1.86 -11.17 -3.85
CA PRO A 5 0.95 -10.97 -2.71
C PRO A 5 1.69 -10.50 -1.46
N GLN A 6 2.93 -10.96 -1.30
CA GLN A 6 3.74 -10.58 -0.14
C GLN A 6 4.05 -9.09 -0.16
N ALA A 7 4.36 -8.57 -1.35
CA ALA A 7 4.68 -7.15 -1.50
C ALA A 7 3.60 -6.28 -0.86
N LEU A 8 2.36 -6.74 -0.92
CA LEU A 8 1.24 -6.00 -0.36
C LEU A 8 1.39 -5.86 1.16
N GLN A 9 1.28 -6.99 1.87
CA GLN A 9 1.41 -6.99 3.32
C GLN A 9 2.78 -6.48 3.74
N GLN A 10 3.74 -6.55 2.83
CA GLN A 10 5.09 -6.10 3.11
C GLN A 10 5.11 -4.64 3.56
N LEU A 11 4.22 -3.84 2.98
CA LEU A 11 4.12 -2.42 3.32
C LEU A 11 3.04 -2.19 4.36
N LEU A 12 2.84 -3.17 5.23
CA LEU A 12 1.83 -3.07 6.29
C LEU A 12 2.03 -1.78 7.10
N GLN A 13 3.26 -1.31 7.16
CA GLN A 13 3.58 -0.10 7.90
C GLN A 13 2.70 1.07 7.44
N THR A 14 2.60 1.24 6.13
CA THR A 14 1.80 2.32 5.56
C THR A 14 0.32 2.13 5.88
N LEU A 15 -0.17 0.93 5.66
CA LEU A 15 -1.57 0.62 5.93
C LEU A 15 -1.89 0.76 7.42
N LYS A 16 -0.91 0.43 8.25
CA LYS A 16 -1.08 0.53 9.70
C LYS A 16 -0.55 1.85 10.22
N SER A 17 -0.25 2.76 9.31
CA SER A 17 0.27 4.08 9.68
C SER A 17 -0.85 5.11 9.75
N PRO A 18 -0.61 6.20 10.49
CA PRO A 18 -1.59 7.28 10.65
C PRO A 18 -1.80 8.08 9.37
N SER A 19 -2.99 8.64 9.21
CA SER A 19 -3.31 9.43 8.02
C SER A 19 -2.67 10.81 8.10
N SER A 20 -1.37 10.84 8.38
CA SER A 20 -0.64 12.10 8.48
C SER A 20 -0.75 12.90 7.19
N PRO A 21 -0.62 14.23 7.30
CA PRO A 21 -0.70 15.14 6.15
C PRO A 21 0.50 15.00 5.21
N GLN A 22 1.70 15.03 5.79
CA GLN A 22 2.92 14.91 5.01
C GLN A 22 3.08 13.49 4.47
N GLN A 23 3.03 12.51 5.36
CA GLN A 23 3.18 11.11 4.97
C GLN A 23 2.15 10.73 3.92
N GLN A 24 1.01 11.42 3.93
CA GLN A 24 -0.06 11.15 2.98
C GLN A 24 0.43 11.31 1.55
N GLN A 25 1.05 12.46 1.27
CA GLN A 25 1.57 12.74 -0.07
C GLN A 25 2.69 11.77 -0.43
N GLN A 26 3.42 11.31 0.58
CA GLN A 26 4.51 10.37 0.36
C GLN A 26 4.03 9.13 -0.38
N VAL A 27 2.87 8.61 0.04
CA VAL A 27 2.30 7.42 -0.58
C VAL A 27 2.18 7.60 -2.09
N LEU A 28 1.91 8.83 -2.52
CA LEU A 28 1.77 9.13 -3.94
C LEU A 28 2.97 8.61 -4.73
N GLN A 29 4.15 8.75 -4.15
CA GLN A 29 5.38 8.29 -4.80
C GLN A 29 5.31 6.79 -5.08
N ILE A 30 4.64 6.06 -4.19
CA ILE A 30 4.51 4.62 -4.34
C ILE A 30 3.94 4.25 -5.71
N LEU A 31 2.75 4.76 -6.00
CA LEU A 31 2.09 4.49 -7.27
C LEU A 31 3.05 4.72 -8.44
N LYS A 32 3.92 5.70 -8.29
CA LYS A 32 4.89 6.02 -9.33
C LYS A 32 5.67 4.78 -9.76
N SER A 33 6.02 3.94 -8.79
CA SER A 33 6.77 2.72 -9.05
C SER A 33 5.93 1.49 -8.72
N ASN A 34 4.60 1.66 -8.73
CA ASN A 34 3.70 0.57 -8.42
C ASN A 34 2.40 0.70 -9.22
N PRO A 35 2.45 0.30 -10.51
CA PRO A 35 1.29 0.37 -11.40
C PRO A 35 0.21 -0.63 -11.03
N GLN A 36 0.62 -1.89 -10.83
CA GLN A 36 -0.32 -2.95 -10.48
C GLN A 36 -0.74 -2.82 -9.01
N LEU A 37 0.24 -2.70 -8.13
CA LEU A 37 -0.04 -2.58 -6.70
C LEU A 37 -0.93 -1.37 -6.42
N MET A 38 -0.99 -0.46 -7.38
CA MET A 38 -1.82 0.74 -7.23
C MET A 38 -3.24 0.38 -6.80
N ALA A 39 -3.69 -0.80 -7.20
CA ALA A 39 -5.03 -1.27 -6.85
C ALA A 39 -4.98 -2.15 -5.60
N ALA A 40 -3.90 -2.89 -5.44
CA ALA A 40 -3.74 -3.78 -4.29
C ALA A 40 -3.56 -2.98 -3.01
N PHE A 41 -2.99 -1.78 -3.13
CA PHE A 41 -2.76 -0.92 -1.98
C PHE A 41 -4.08 -0.49 -1.35
N ILE A 42 -5.10 -0.31 -2.18
CA ILE A 42 -6.42 0.10 -1.71
C ILE A 42 -7.09 -1.02 -0.93
N LYS A 43 -6.97 -2.24 -1.44
CA LYS A 43 -7.57 -3.41 -0.79
C LYS A 43 -6.96 -3.64 0.58
N GLN A 44 -5.66 -3.38 0.71
CA GLN A 44 -4.96 -3.55 1.97
C GLN A 44 -5.41 -2.52 3.00
N ARG A 45 -5.44 -1.26 2.58
CA ARG A 45 -5.85 -0.17 3.47
C ARG A 45 -7.35 -0.24 3.76
N SER A 46 -8.10 -0.82 2.82
CA SER A 46 -9.55 -0.94 2.98
C SER A 46 -9.90 -2.17 3.83
N GLN A 47 -9.11 -3.22 3.68
CA GLN A 47 -9.33 -4.45 4.43
C GLN A 47 -8.02 -5.16 4.74
N HIS A 48 -7.55 -5.01 5.98
CA HIS A 48 -6.30 -5.63 6.41
C HIS A 48 -6.55 -6.63 7.52
N GLN A 49 -7.64 -7.38 7.42
CA GLN A 49 -7.99 -8.37 8.44
C GLN A 49 -7.43 -9.74 8.07
N GLN A 50 -8.03 -10.37 7.06
CA GLN A 50 -7.59 -11.68 6.62
C GLN A 50 -6.84 -11.59 5.29
N GLY A 1 -0.67 -15.06 -13.16
CA GLY A 1 -1.97 -15.58 -12.80
C GLY A 1 -2.34 -15.24 -11.37
N SER A 2 -1.48 -15.62 -10.42
CA SER A 2 -1.73 -15.36 -9.01
C SER A 2 -0.99 -14.10 -8.56
N THR A 3 -1.09 -13.79 -7.27
CA THR A 3 -0.44 -12.62 -6.70
C THR A 3 0.23 -12.94 -5.37
N PRO A 4 1.42 -12.38 -5.15
CA PRO A 4 2.18 -12.59 -3.91
C PRO A 4 1.53 -11.92 -2.71
N PRO A 5 1.04 -12.74 -1.78
CA PRO A 5 0.38 -12.26 -0.55
C PRO A 5 1.36 -11.60 0.41
N GLN A 6 2.59 -12.09 0.41
CA GLN A 6 3.63 -11.56 1.29
C GLN A 6 3.95 -10.11 0.93
N ALA A 7 3.89 -9.80 -0.37
CA ALA A 7 4.18 -8.46 -0.86
C ALA A 7 3.36 -7.41 -0.09
N LEU A 8 2.16 -7.79 0.31
CA LEU A 8 1.28 -6.89 1.06
C LEU A 8 1.90 -6.51 2.39
N GLN A 9 2.00 -7.49 3.29
CA GLN A 9 2.57 -7.27 4.61
C GLN A 9 4.02 -6.80 4.51
N GLN A 10 4.64 -7.06 3.36
CA GLN A 10 6.03 -6.67 3.13
C GLN A 10 6.20 -5.17 3.32
N LEU A 11 5.19 -4.40 2.95
CA LEU A 11 5.23 -2.95 3.08
C LEU A 11 4.77 -2.52 4.46
N LEU A 12 5.37 -3.09 5.49
CA LEU A 12 5.02 -2.76 6.87
C LEU A 12 5.05 -1.26 7.09
N GLN A 13 5.95 -0.58 6.39
CA GLN A 13 6.08 0.87 6.51
C GLN A 13 4.76 1.57 6.19
N THR A 14 4.23 1.29 4.99
CA THR A 14 2.97 1.89 4.57
C THR A 14 1.81 1.40 5.43
N LEU A 15 1.76 0.10 5.67
CA LEU A 15 0.71 -0.49 6.48
C LEU A 15 0.72 0.06 7.90
N LYS A 16 1.92 0.37 8.38
CA LYS A 16 2.09 0.93 9.72
C LYS A 16 2.25 2.44 9.68
N SER A 17 1.95 3.03 8.53
CA SER A 17 2.07 4.47 8.35
C SER A 17 0.76 5.17 8.73
N PRO A 18 0.88 6.43 9.19
CA PRO A 18 -0.28 7.23 9.60
C PRO A 18 -1.14 7.63 8.41
N SER A 19 -2.45 7.62 8.61
CA SER A 19 -3.39 7.99 7.56
C SER A 19 -3.41 9.49 7.34
N SER A 20 -2.69 10.21 8.19
CA SER A 20 -2.61 11.67 8.09
C SER A 20 -2.38 12.10 6.65
N PRO A 21 -2.75 13.35 6.34
CA PRO A 21 -2.59 13.92 5.00
C PRO A 21 -1.12 14.17 4.64
N GLN A 22 -0.30 14.35 5.68
CA GLN A 22 1.12 14.60 5.48
C GLN A 22 1.80 13.41 4.81
N GLN A 23 1.68 12.24 5.44
CA GLN A 23 2.28 11.03 4.91
C GLN A 23 1.68 10.66 3.56
N GLN A 24 0.42 11.07 3.36
CA GLN A 24 -0.28 10.78 2.11
C GLN A 24 0.46 11.39 0.92
N GLN A 25 0.98 12.60 1.11
CA GLN A 25 1.70 13.30 0.05
C GLN A 25 2.97 12.54 -0.33
N GLN A 26 3.78 12.19 0.67
CA GLN A 26 5.02 11.47 0.44
C GLN A 26 4.74 10.07 -0.11
N VAL A 27 3.96 9.30 0.63
CA VAL A 27 3.61 7.95 0.23
C VAL A 27 3.05 7.92 -1.20
N LEU A 28 2.39 9.01 -1.58
CA LEU A 28 1.80 9.12 -2.91
C LEU A 28 2.82 8.72 -3.98
N GLN A 29 4.08 8.97 -3.71
CA GLN A 29 5.15 8.63 -4.65
C GLN A 29 5.18 7.13 -4.92
N ILE A 30 4.89 6.34 -3.90
CA ILE A 30 4.88 4.89 -4.02
C ILE A 30 4.05 4.44 -5.23
N LEU A 31 2.90 5.08 -5.42
CA LEU A 31 2.02 4.75 -6.54
C LEU A 31 2.79 4.81 -7.86
N LYS A 32 3.77 5.69 -7.93
CA LYS A 32 4.59 5.84 -9.14
C LYS A 32 5.10 4.49 -9.61
N SER A 33 5.39 3.61 -8.66
CA SER A 33 5.90 2.28 -8.99
C SER A 33 4.88 1.20 -8.61
N ASN A 34 3.62 1.61 -8.46
CA ASN A 34 2.56 0.67 -8.10
C ASN A 34 1.20 1.19 -8.57
N PRO A 35 0.85 0.89 -9.83
CA PRO A 35 -0.41 1.32 -10.42
C PRO A 35 -1.61 0.60 -9.81
N GLN A 36 -1.42 -0.68 -9.51
CA GLN A 36 -2.49 -1.49 -8.93
C GLN A 36 -2.74 -1.10 -7.48
N LEU A 37 -1.69 -0.61 -6.81
CA LEU A 37 -1.80 -0.20 -5.42
C LEU A 37 -2.84 0.91 -5.25
N MET A 38 -3.21 1.53 -6.37
CA MET A 38 -4.21 2.60 -6.35
C MET A 38 -5.43 2.18 -5.53
N ALA A 39 -5.71 0.89 -5.50
CA ALA A 39 -6.84 0.37 -4.75
C ALA A 39 -6.39 -0.50 -3.58
N ALA A 40 -5.20 -1.07 -3.71
CA ALA A 40 -4.65 -1.92 -2.66
C ALA A 40 -4.25 -1.10 -1.44
N PHE A 41 -3.73 0.09 -1.68
CA PHE A 41 -3.31 0.97 -0.59
C PHE A 41 -4.49 1.32 0.32
N ILE A 42 -5.69 1.28 -0.25
CA ILE A 42 -6.89 1.60 0.52
C ILE A 42 -7.08 0.62 1.67
N LYS A 43 -6.44 -0.56 1.56
CA LYS A 43 -6.55 -1.58 2.59
C LYS A 43 -5.53 -2.68 2.35
N GLN A 44 -4.25 -2.36 2.50
CA GLN A 44 -3.19 -3.33 2.30
C GLN A 44 -3.27 -4.45 3.33
N ARG A 45 -3.63 -4.10 4.56
CA ARG A 45 -3.74 -5.07 5.65
C ARG A 45 -4.93 -6.00 5.41
N SER A 46 -5.97 -5.47 4.78
CA SER A 46 -7.18 -6.25 4.51
C SER A 46 -7.00 -7.08 3.23
N GLN A 47 -6.31 -6.51 2.25
CA GLN A 47 -6.07 -7.18 0.98
C GLN A 47 -7.39 -7.57 0.31
N HIS A 48 -8.21 -6.57 0.02
CA HIS A 48 -9.51 -6.79 -0.62
C HIS A 48 -9.64 -5.96 -1.89
N GLN A 49 -9.19 -6.52 -3.02
CA GLN A 49 -9.26 -5.82 -4.29
C GLN A 49 -9.54 -6.80 -5.43
N GLN A 50 -9.48 -6.31 -6.66
CA GLN A 50 -9.73 -7.13 -7.83
C GLN A 50 -8.63 -6.95 -8.87
N GLY A 1 15.35 -18.97 3.29
CA GLY A 1 15.87 -19.22 1.96
C GLY A 1 15.36 -18.22 0.94
N SER A 2 14.20 -18.49 0.37
CA SER A 2 13.61 -17.61 -0.64
C SER A 2 12.56 -16.71 -0.01
N THR A 3 12.50 -15.46 -0.48
CA THR A 3 11.53 -14.49 0.03
C THR A 3 10.27 -14.46 -0.83
N PRO A 4 9.13 -14.18 -0.19
CA PRO A 4 7.83 -14.10 -0.87
C PRO A 4 7.73 -12.90 -1.80
N PRO A 5 7.31 -13.14 -3.05
CA PRO A 5 7.16 -12.07 -4.05
C PRO A 5 6.00 -11.14 -3.74
N GLN A 6 4.96 -11.68 -3.10
CA GLN A 6 3.79 -10.89 -2.74
C GLN A 6 4.14 -9.84 -1.69
N ALA A 7 4.96 -10.25 -0.72
CA ALA A 7 5.38 -9.34 0.36
C ALA A 7 5.93 -8.03 -0.22
N LEU A 8 6.59 -8.14 -1.37
CA LEU A 8 7.17 -6.97 -2.01
C LEU A 8 6.09 -5.97 -2.40
N GLN A 9 5.26 -6.35 -3.37
CA GLN A 9 4.19 -5.50 -3.85
C GLN A 9 3.22 -5.16 -2.71
N GLN A 10 3.22 -6.00 -1.67
CA GLN A 10 2.34 -5.79 -0.53
C GLN A 10 2.66 -4.47 0.17
N LEU A 11 3.93 -4.08 0.14
CA LEU A 11 4.37 -2.85 0.77
C LEU A 11 4.03 -2.84 2.26
N LEU A 12 4.57 -3.83 2.98
CA LEU A 12 4.32 -3.94 4.41
C LEU A 12 4.66 -2.64 5.12
N GLN A 13 5.66 -1.92 4.62
CA GLN A 13 6.08 -0.66 5.21
C GLN A 13 4.91 0.31 5.28
N THR A 14 4.27 0.55 4.13
CA THR A 14 3.13 1.46 4.07
C THR A 14 1.96 0.95 4.90
N LEU A 15 1.64 -0.33 4.72
CA LEU A 15 0.54 -0.94 5.46
C LEU A 15 0.81 -0.93 6.96
N LYS A 16 2.09 -0.89 7.32
CA LYS A 16 2.49 -0.87 8.72
C LYS A 16 2.47 0.55 9.27
N SER A 17 1.89 1.48 8.51
CA SER A 17 1.81 2.87 8.92
C SER A 17 0.48 3.48 8.52
N PRO A 18 -0.03 4.40 9.35
CA PRO A 18 -1.31 5.08 9.10
C PRO A 18 -1.23 6.05 7.93
N SER A 19 -2.38 6.36 7.35
CA SER A 19 -2.44 7.27 6.21
C SER A 19 -2.26 8.72 6.66
N SER A 20 -1.17 8.98 7.38
CA SER A 20 -0.89 10.33 7.88
C SER A 20 -0.91 11.34 6.74
N PRO A 21 -1.06 12.63 7.10
CA PRO A 21 -1.09 13.72 6.13
C PRO A 21 0.26 13.96 5.48
N GLN A 22 1.32 13.90 6.29
CA GLN A 22 2.68 14.11 5.78
C GLN A 22 3.10 12.98 4.84
N GLN A 23 3.00 11.75 5.34
CA GLN A 23 3.37 10.58 4.55
C GLN A 23 2.49 10.45 3.31
N GLN A 24 1.27 10.98 3.41
CA GLN A 24 0.33 10.92 2.30
C GLN A 24 0.92 11.57 1.05
N GLN A 25 1.71 12.61 1.24
CA GLN A 25 2.35 13.31 0.13
C GLN A 25 3.34 12.41 -0.59
N GLN A 26 4.10 11.64 0.19
CA GLN A 26 5.10 10.74 -0.37
C GLN A 26 4.43 9.49 -0.94
N VAL A 27 3.65 8.80 -0.11
CA VAL A 27 2.96 7.59 -0.54
C VAL A 27 2.16 7.84 -1.81
N LEU A 28 1.66 9.05 -1.96
CA LEU A 28 0.88 9.41 -3.15
C LEU A 28 1.60 9.00 -4.42
N GLN A 29 2.92 9.10 -4.41
CA GLN A 29 3.73 8.73 -5.57
C GLN A 29 3.54 7.26 -5.91
N ILE A 30 3.38 6.43 -4.88
CA ILE A 30 3.20 5.00 -5.09
C ILE A 30 2.10 4.72 -6.11
N LEU A 31 1.00 5.45 -5.99
CA LEU A 31 -0.13 5.30 -6.91
C LEU A 31 0.34 5.32 -8.36
N LYS A 32 1.39 6.09 -8.63
CA LYS A 32 1.94 6.20 -9.97
C LYS A 32 2.18 4.82 -10.57
N SER A 33 2.59 3.88 -9.73
CA SER A 33 2.85 2.51 -10.18
C SER A 33 1.83 1.54 -9.62
N ASN A 34 0.64 2.06 -9.31
CA ASN A 34 -0.43 1.23 -8.76
C ASN A 34 -1.80 1.83 -9.07
N PRO A 35 -2.29 1.57 -10.30
CA PRO A 35 -3.58 2.06 -10.75
C PRO A 35 -4.75 1.40 -10.03
N GLN A 36 -4.73 0.07 -10.00
CA GLN A 36 -5.79 -0.70 -9.34
C GLN A 36 -5.64 -0.61 -7.82
N LEU A 37 -4.43 -0.82 -7.33
CA LEU A 37 -4.16 -0.78 -5.90
C LEU A 37 -4.51 0.59 -5.32
N MET A 38 -4.67 1.57 -6.20
CA MET A 38 -5.02 2.93 -5.77
C MET A 38 -6.21 2.91 -4.83
N ALA A 39 -7.06 1.91 -4.98
CA ALA A 39 -8.25 1.78 -4.13
C ALA A 39 -7.96 0.91 -2.90
N ALA A 40 -7.03 -0.05 -3.07
CA ALA A 40 -6.68 -0.94 -1.98
C ALA A 40 -5.80 -0.23 -0.95
N PHE A 41 -4.99 0.72 -1.42
CA PHE A 41 -4.11 1.48 -0.53
C PHE A 41 -4.92 2.34 0.43
N ILE A 42 -6.18 2.60 0.08
CA ILE A 42 -7.04 3.42 0.91
C ILE A 42 -7.38 2.70 2.22
N LYS A 43 -7.24 1.38 2.21
CA LYS A 43 -7.52 0.57 3.39
C LYS A 43 -7.08 -0.87 3.18
N GLN A 44 -5.80 -1.06 2.88
CA GLN A 44 -5.25 -2.40 2.66
C GLN A 44 -5.19 -3.18 3.96
N ARG A 45 -4.83 -2.51 5.04
CA ARG A 45 -4.73 -3.15 6.35
C ARG A 45 -6.11 -3.49 6.89
N SER A 46 -7.10 -2.66 6.56
CA SER A 46 -8.47 -2.88 7.01
C SER A 46 -9.19 -3.88 6.11
N GLN A 47 -8.88 -3.84 4.83
CA GLN A 47 -9.49 -4.74 3.86
C GLN A 47 -11.00 -4.53 3.79
N HIS A 48 -11.41 -3.39 3.25
CA HIS A 48 -12.82 -3.05 3.12
C HIS A 48 -13.17 -2.69 1.68
N GLN A 49 -12.61 -3.43 0.74
CA GLN A 49 -12.85 -3.18 -0.68
C GLN A 49 -14.00 -4.05 -1.19
N GLN A 50 -13.73 -5.35 -1.34
CA GLN A 50 -14.74 -6.28 -1.83
C GLN A 50 -15.26 -7.16 -0.69
N GLY A 1 11.41 -21.33 1.92
CA GLY A 1 11.06 -21.90 0.63
C GLY A 1 10.41 -20.87 -0.29
N SER A 2 9.09 -20.71 -0.16
CA SER A 2 8.36 -19.77 -1.00
C SER A 2 8.11 -18.46 -0.25
N THR A 3 7.80 -17.41 -1.00
CA THR A 3 7.55 -16.10 -0.41
C THR A 3 6.33 -15.43 -1.05
N PRO A 4 5.54 -14.74 -0.22
CA PRO A 4 4.33 -14.05 -0.69
C PRO A 4 4.66 -12.83 -1.54
N PRO A 5 4.32 -12.91 -2.84
CA PRO A 5 4.57 -11.83 -3.79
C PRO A 5 3.68 -10.62 -3.55
N GLN A 6 2.45 -10.87 -3.09
CA GLN A 6 1.51 -9.80 -2.81
C GLN A 6 2.01 -8.91 -1.68
N ALA A 7 2.59 -9.52 -0.65
CA ALA A 7 3.13 -8.78 0.48
C ALA A 7 4.15 -7.74 0.03
N LEU A 8 4.92 -8.09 -1.00
CA LEU A 8 5.94 -7.19 -1.52
C LEU A 8 5.31 -5.92 -2.08
N GLN A 9 4.56 -6.06 -3.17
CA GLN A 9 3.90 -4.92 -3.80
C GLN A 9 2.92 -4.27 -2.85
N GLN A 10 2.49 -5.02 -1.84
CA GLN A 10 1.55 -4.50 -0.85
C GLN A 10 2.13 -3.33 -0.09
N LEU A 11 3.45 -3.37 0.15
CA LEU A 11 4.13 -2.31 0.87
C LEU A 11 3.54 -2.11 2.26
N LEU A 12 3.65 -3.13 3.10
CA LEU A 12 3.14 -3.07 4.46
C LEU A 12 3.65 -1.84 5.19
N GLN A 13 4.85 -1.39 4.81
CA GLN A 13 5.46 -0.22 5.42
C GLN A 13 4.54 0.98 5.33
N THR A 14 4.12 1.32 4.11
CA THR A 14 3.24 2.45 3.88
C THR A 14 1.88 2.23 4.52
N LEU A 15 1.31 1.05 4.30
CA LEU A 15 0.01 0.71 4.85
C LEU A 15 0.05 0.72 6.38
N LYS A 16 1.23 0.46 6.94
CA LYS A 16 1.40 0.46 8.39
C LYS A 16 0.84 1.72 9.01
N SER A 17 0.95 2.84 8.30
CA SER A 17 0.46 4.13 8.78
C SER A 17 -0.97 4.36 8.31
N PRO A 18 -1.78 4.98 9.19
CA PRO A 18 -3.18 5.28 8.89
C PRO A 18 -3.33 6.37 7.83
N SER A 19 -2.79 6.11 6.64
CA SER A 19 -2.85 7.07 5.55
C SER A 19 -2.70 8.49 6.06
N SER A 20 -1.80 8.68 7.01
CA SER A 20 -1.55 9.99 7.59
C SER A 20 -1.33 11.04 6.49
N PRO A 21 -1.51 12.31 6.86
CA PRO A 21 -1.34 13.43 5.92
C PRO A 21 0.13 13.64 5.54
N GLN A 22 1.02 13.51 6.51
CA GLN A 22 2.44 13.68 6.27
C GLN A 22 2.98 12.59 5.34
N GLN A 23 2.78 11.34 5.74
CA GLN A 23 3.24 10.21 4.95
C GLN A 23 2.55 10.18 3.60
N GLN A 24 1.34 10.72 3.53
CA GLN A 24 0.58 10.76 2.29
C GLN A 24 1.36 11.47 1.19
N GLN A 25 2.11 12.50 1.58
CA GLN A 25 2.90 13.27 0.62
C GLN A 25 3.99 12.40 -0.01
N GLN A 26 4.63 11.59 0.82
CA GLN A 26 5.70 10.71 0.35
C GLN A 26 5.12 9.50 -0.39
N VAL A 27 4.23 8.78 0.27
CA VAL A 27 3.60 7.60 -0.31
C VAL A 27 3.00 7.93 -1.67
N LEU A 28 2.52 9.16 -1.82
CA LEU A 28 1.92 9.60 -3.08
C LEU A 28 2.81 9.25 -4.26
N GLN A 29 4.12 9.34 -4.05
CA GLN A 29 5.09 9.03 -5.10
C GLN A 29 4.97 7.57 -5.54
N ILE A 30 4.75 6.69 -4.57
CA ILE A 30 4.62 5.27 -4.85
C ILE A 30 3.61 5.02 -5.96
N LEU A 31 2.48 5.73 -5.89
CA LEU A 31 1.42 5.58 -6.89
C LEU A 31 2.00 5.67 -8.31
N LYS A 32 3.06 6.46 -8.46
CA LYS A 32 3.70 6.63 -9.75
C LYS A 32 3.98 5.28 -10.41
N SER A 33 4.32 4.29 -9.60
CA SER A 33 4.62 2.95 -10.10
C SER A 33 3.56 1.96 -9.63
N ASN A 34 2.36 2.46 -9.35
CA ASN A 34 1.26 1.62 -8.90
C ASN A 34 -0.08 2.18 -9.37
N PRO A 35 -0.45 1.86 -10.62
CA PRO A 35 -1.71 2.31 -11.21
C PRO A 35 -2.92 1.65 -10.59
N GLN A 36 -2.89 0.32 -10.54
CA GLN A 36 -4.00 -0.45 -9.96
C GLN A 36 -3.96 -0.40 -8.44
N LEU A 37 -2.76 -0.55 -7.88
CA LEU A 37 -2.58 -0.53 -6.43
C LEU A 37 -2.97 0.83 -5.86
N MET A 38 -3.17 1.80 -6.75
CA MET A 38 -3.54 3.15 -6.33
C MET A 38 -4.71 3.12 -5.35
N ALA A 39 -5.59 2.13 -5.53
CA ALA A 39 -6.76 1.99 -4.66
C ALA A 39 -6.53 0.89 -3.62
N ALA A 40 -5.70 -0.09 -3.97
CA ALA A 40 -5.41 -1.20 -3.07
C ALA A 40 -4.52 -0.75 -1.92
N PHE A 41 -3.76 0.32 -2.14
CA PHE A 41 -2.87 0.85 -1.13
C PHE A 41 -3.65 1.27 0.11
N ILE A 42 -4.86 1.75 -0.09
CA ILE A 42 -5.71 2.19 1.01
C ILE A 42 -6.83 1.19 1.26
N LYS A 43 -7.30 0.56 0.20
CA LYS A 43 -8.38 -0.42 0.30
C LYS A 43 -7.95 -1.62 1.14
N GLN A 44 -6.71 -2.06 0.95
CA GLN A 44 -6.18 -3.20 1.70
C GLN A 44 -5.97 -2.82 3.16
N ARG A 45 -5.53 -1.59 3.40
CA ARG A 45 -5.28 -1.11 4.75
C ARG A 45 -6.59 -0.93 5.51
N SER A 46 -7.64 -0.52 4.79
CA SER A 46 -8.94 -0.30 5.40
C SER A 46 -9.71 -1.61 5.53
N GLN A 47 -9.54 -2.49 4.55
CA GLN A 47 -10.20 -3.79 4.55
C GLN A 47 -9.36 -4.86 3.87
N HIS A 48 -8.90 -5.82 4.64
CA HIS A 48 -8.07 -6.90 4.10
C HIS A 48 -8.82 -8.24 4.15
N GLN A 49 -9.79 -8.40 3.26
CA GLN A 49 -10.58 -9.62 3.21
C GLN A 49 -10.96 -9.96 1.77
N GLN A 50 -11.05 -11.25 1.47
CA GLN A 50 -11.41 -11.70 0.14
C GLN A 50 -12.50 -12.76 0.19
N GLY A 1 14.62 -22.27 -3.02
CA GLY A 1 14.58 -20.93 -2.48
C GLY A 1 13.93 -19.94 -3.43
N SER A 2 12.92 -19.25 -2.93
CA SER A 2 12.19 -18.27 -3.73
C SER A 2 11.86 -17.02 -2.91
N THR A 3 11.15 -16.09 -3.53
CA THR A 3 10.77 -14.84 -2.85
C THR A 3 9.32 -14.48 -3.17
N PRO A 4 8.61 -13.97 -2.15
CA PRO A 4 7.21 -13.57 -2.29
C PRO A 4 7.05 -12.32 -3.14
N PRO A 5 6.44 -12.49 -4.33
CA PRO A 5 6.22 -11.38 -5.26
C PRO A 5 5.17 -10.39 -4.75
N GLN A 6 4.18 -10.92 -4.04
CA GLN A 6 3.11 -10.09 -3.48
C GLN A 6 3.66 -9.13 -2.42
N ALA A 7 4.59 -9.62 -1.62
CA ALA A 7 5.20 -8.82 -0.57
C ALA A 7 5.79 -7.54 -1.12
N LEU A 8 6.31 -7.62 -2.35
CA LEU A 8 6.92 -6.46 -3.00
C LEU A 8 5.89 -5.36 -3.23
N GLN A 9 4.94 -5.61 -4.12
CA GLN A 9 3.89 -4.64 -4.43
C GLN A 9 3.06 -4.34 -3.18
N GLN A 10 3.09 -5.25 -2.22
CA GLN A 10 2.34 -5.07 -0.98
C GLN A 10 2.81 -3.83 -0.23
N LEU A 11 4.11 -3.56 -0.29
CA LEU A 11 4.68 -2.41 0.39
C LEU A 11 4.27 -2.37 1.86
N LEU A 12 4.53 -3.47 2.57
CA LEU A 12 4.19 -3.56 3.98
C LEU A 12 4.77 -2.39 4.76
N GLN A 13 5.88 -1.84 4.25
CA GLN A 13 6.54 -0.72 4.90
C GLN A 13 5.58 0.44 5.12
N THR A 14 4.94 0.88 4.03
CA THR A 14 3.99 1.98 4.10
C THR A 14 2.78 1.61 4.96
N LEU A 15 2.21 0.44 4.70
CA LEU A 15 1.05 -0.03 5.46
C LEU A 15 1.38 -0.18 6.93
N LYS A 16 2.65 -0.46 7.22
CA LYS A 16 3.10 -0.62 8.61
C LYS A 16 2.65 0.55 9.47
N SER A 17 2.55 1.73 8.85
CA SER A 17 2.15 2.93 9.57
C SER A 17 0.62 3.10 9.51
N PRO A 18 0.06 3.69 10.57
CA PRO A 18 -1.39 3.93 10.66
C PRO A 18 -1.86 5.01 9.70
N SER A 19 -1.70 4.74 8.41
CA SER A 19 -2.11 5.69 7.38
C SER A 19 -1.84 7.13 7.83
N SER A 20 -0.68 7.34 8.43
CA SER A 20 -0.30 8.66 8.91
C SER A 20 -0.54 9.72 7.85
N PRO A 21 -0.63 11.00 8.27
CA PRO A 21 -0.86 12.12 7.37
C PRO A 21 0.35 12.40 6.47
N GLN A 22 1.53 12.42 7.06
CA GLN A 22 2.76 12.67 6.32
C GLN A 22 3.03 11.56 5.32
N GLN A 23 2.99 10.32 5.80
CA GLN A 23 3.22 9.16 4.95
C GLN A 23 2.14 9.04 3.87
N GLN A 24 0.96 9.54 4.18
CA GLN A 24 -0.16 9.49 3.24
C GLN A 24 0.15 10.29 1.98
N GLN A 25 0.71 11.48 2.16
CA GLN A 25 1.05 12.35 1.04
C GLN A 25 2.21 11.76 0.23
N GLN A 26 3.08 11.02 0.91
CA GLN A 26 4.22 10.40 0.25
C GLN A 26 3.79 9.17 -0.53
N VAL A 27 3.00 8.31 0.11
CA VAL A 27 2.52 7.09 -0.53
C VAL A 27 1.90 7.38 -1.88
N LEU A 28 1.32 8.58 -2.03
CA LEU A 28 0.69 8.99 -3.27
C LEU A 28 1.63 8.75 -4.45
N GLN A 29 2.92 9.02 -4.25
CA GLN A 29 3.91 8.84 -5.30
C GLN A 29 3.96 7.38 -5.76
N ILE A 30 3.75 6.47 -4.83
CA ILE A 30 3.77 5.04 -5.14
C ILE A 30 2.80 4.72 -6.27
N LEU A 31 1.61 5.30 -6.21
CA LEU A 31 0.58 5.07 -7.22
C LEU A 31 1.17 5.26 -8.62
N LYS A 32 2.14 6.16 -8.74
CA LYS A 32 2.78 6.43 -10.02
C LYS A 32 3.21 5.14 -10.69
N SER A 33 3.66 4.17 -9.89
CA SER A 33 4.11 2.89 -10.40
C SER A 33 3.17 1.77 -9.97
N ASN A 34 1.92 2.13 -9.70
CA ASN A 34 0.93 1.15 -9.28
C ASN A 34 -0.47 1.55 -9.76
N PRO A 35 -0.76 1.27 -11.03
CA PRO A 35 -2.06 1.60 -11.64
C PRO A 35 -3.19 0.73 -11.08
N GLN A 36 -2.98 -0.58 -11.09
CA GLN A 36 -3.98 -1.51 -10.59
C GLN A 36 -4.01 -1.51 -9.07
N LEU A 37 -2.83 -1.57 -8.46
CA LEU A 37 -2.72 -1.57 -7.00
C LEU A 37 -3.32 -0.29 -6.40
N MET A 38 -3.56 0.69 -7.26
CA MET A 38 -4.13 1.96 -6.81
C MET A 38 -5.36 1.72 -5.95
N ALA A 39 -6.04 0.60 -6.18
CA ALA A 39 -7.24 0.26 -5.42
C ALA A 39 -6.92 -0.68 -4.27
N ALA A 40 -5.92 -1.54 -4.47
CA ALA A 40 -5.51 -2.48 -3.44
C ALA A 40 -4.79 -1.78 -2.31
N PHE A 41 -4.15 -0.65 -2.62
CA PHE A 41 -3.41 0.12 -1.63
C PHE A 41 -4.36 0.70 -0.58
N ILE A 42 -5.56 1.05 -1.02
CA ILE A 42 -6.57 1.62 -0.13
C ILE A 42 -7.22 0.54 0.73
N LYS A 43 -7.52 -0.60 0.11
CA LYS A 43 -8.14 -1.71 0.82
C LYS A 43 -7.21 -2.27 1.88
N GLN A 44 -5.94 -2.46 1.52
CA GLN A 44 -4.96 -2.99 2.45
C GLN A 44 -4.64 -1.98 3.54
N ARG A 45 -4.56 -0.71 3.16
CA ARG A 45 -4.27 0.36 4.11
C ARG A 45 -5.44 0.58 5.06
N SER A 46 -6.64 0.32 4.57
CA SER A 46 -7.85 0.50 5.38
C SER A 46 -8.11 -0.74 6.24
N GLN A 47 -7.84 -1.91 5.68
CA GLN A 47 -8.05 -3.16 6.40
C GLN A 47 -9.34 -3.12 7.20
N HIS A 48 -10.37 -2.51 6.63
CA HIS A 48 -11.66 -2.40 7.28
C HIS A 48 -12.79 -2.89 6.36
N GLN A 49 -13.13 -4.17 6.49
CA GLN A 49 -14.18 -4.75 5.67
C GLN A 49 -14.95 -5.82 6.45
N GLN A 50 -16.24 -5.94 6.15
CA GLN A 50 -17.09 -6.91 6.83
C GLN A 50 -17.92 -7.71 5.83
N GLY A 1 11.43 -21.36 3.31
CA GLY A 1 11.57 -21.98 2.02
C GLY A 1 11.21 -21.04 0.88
N SER A 2 10.23 -20.17 1.12
CA SER A 2 9.78 -19.23 0.11
C SER A 2 9.46 -17.87 0.75
N THR A 3 8.99 -16.94 -0.08
CA THR A 3 8.65 -15.60 0.40
C THR A 3 7.34 -15.13 -0.21
N PRO A 4 6.51 -14.45 0.60
CA PRO A 4 5.21 -13.93 0.16
C PRO A 4 5.36 -12.76 -0.81
N PRO A 5 4.96 -13.00 -2.07
CA PRO A 5 5.04 -11.97 -3.12
C PRO A 5 4.04 -10.85 -2.91
N GLN A 6 2.86 -11.20 -2.42
CA GLN A 6 1.81 -10.21 -2.17
C GLN A 6 2.25 -9.21 -1.11
N ALA A 7 2.89 -9.70 -0.06
CA ALA A 7 3.37 -8.85 1.03
C ALA A 7 4.27 -7.74 0.49
N LEU A 8 5.00 -8.04 -0.57
CA LEU A 8 5.91 -7.07 -1.17
C LEU A 8 5.14 -5.88 -1.74
N GLN A 9 4.36 -6.14 -2.80
CA GLN A 9 3.57 -5.10 -3.43
C GLN A 9 2.55 -4.51 -2.44
N GLN A 10 2.22 -5.28 -1.41
CA GLN A 10 1.27 -4.83 -0.40
C GLN A 10 1.78 -3.58 0.32
N LEU A 11 3.10 -3.52 0.51
CA LEU A 11 3.70 -2.38 1.18
C LEU A 11 3.12 -2.20 2.59
N LEU A 12 3.15 -3.26 3.38
CA LEU A 12 2.62 -3.21 4.74
C LEU A 12 3.23 -2.05 5.51
N GLN A 13 4.46 -1.68 5.16
CA GLN A 13 5.14 -0.58 5.82
C GLN A 13 4.31 0.70 5.76
N THR A 14 3.94 1.10 4.56
CA THR A 14 3.14 2.32 4.37
C THR A 14 1.77 2.16 5.00
N LEU A 15 1.11 1.03 4.74
CA LEU A 15 -0.22 0.77 5.28
C LEU A 15 -0.17 0.73 6.81
N LYS A 16 0.98 0.36 7.36
CA LYS A 16 1.14 0.29 8.80
C LYS A 16 0.68 1.58 9.48
N SER A 17 0.87 2.70 8.79
CA SER A 17 0.48 4.00 9.31
C SER A 17 -0.94 4.35 8.88
N PRO A 18 -1.67 5.04 9.78
CA PRO A 18 -3.06 5.45 9.52
C PRO A 18 -3.14 6.54 8.45
N SER A 19 -2.71 6.21 7.24
CA SER A 19 -2.73 7.16 6.13
C SER A 19 -2.39 8.57 6.61
N SER A 20 -1.41 8.66 7.51
CA SER A 20 -0.99 9.95 8.05
C SER A 20 -0.74 10.95 6.93
N PRO A 21 -0.74 12.25 7.29
CA PRO A 21 -0.52 13.33 6.33
C PRO A 21 0.92 13.38 5.82
N GLN A 22 1.87 13.17 6.73
CA GLN A 22 3.28 13.19 6.37
C GLN A 22 3.62 12.03 5.44
N GLN A 23 3.20 10.82 5.84
CA GLN A 23 3.46 9.63 5.04
C GLN A 23 2.76 9.72 3.69
N GLN A 24 1.67 10.46 3.64
CA GLN A 24 0.90 10.62 2.41
C GLN A 24 1.78 11.18 1.29
N GLN A 25 2.66 12.11 1.64
CA GLN A 25 3.56 12.72 0.67
C GLN A 25 4.53 11.69 0.10
N GLN A 26 4.97 10.76 0.95
CA GLN A 26 5.90 9.71 0.54
C GLN A 26 5.17 8.64 -0.26
N VAL A 27 4.14 8.04 0.34
CA VAL A 27 3.38 7.00 -0.31
C VAL A 27 2.90 7.44 -1.69
N LEU A 28 2.65 8.74 -1.83
CA LEU A 28 2.18 9.30 -3.10
C LEU A 28 3.07 8.83 -4.25
N GLN A 29 4.35 8.64 -3.96
CA GLN A 29 5.30 8.19 -4.98
C GLN A 29 4.90 6.82 -5.53
N ILE A 30 4.29 6.00 -4.69
CA ILE A 30 3.85 4.67 -5.09
C ILE A 30 2.97 4.74 -6.34
N LEU A 31 1.96 5.59 -6.30
CA LEU A 31 1.04 5.75 -7.42
C LEU A 31 1.81 6.08 -8.70
N LYS A 32 2.89 6.84 -8.55
CA LYS A 32 3.71 7.24 -9.69
C LYS A 32 4.03 6.03 -10.58
N SER A 33 4.28 4.90 -9.94
CA SER A 33 4.60 3.67 -10.68
C SER A 33 3.51 2.63 -10.48
N ASN A 34 2.32 3.08 -10.12
CA ASN A 34 1.18 2.19 -9.90
C ASN A 34 -0.14 2.93 -10.10
N PRO A 35 -0.56 3.05 -11.36
CA PRO A 35 -1.81 3.73 -11.72
C PRO A 35 -3.04 2.95 -11.28
N GLN A 36 -2.93 1.62 -11.30
CA GLN A 36 -4.04 0.76 -10.90
C GLN A 36 -4.21 0.75 -9.39
N LEU A 37 -3.11 0.95 -8.67
CA LEU A 37 -3.14 0.97 -7.22
C LEU A 37 -4.04 2.09 -6.70
N MET A 38 -4.43 2.99 -7.61
CA MET A 38 -5.29 4.11 -7.24
C MET A 38 -6.49 3.63 -6.43
N ALA A 39 -6.92 2.40 -6.68
CA ALA A 39 -8.06 1.82 -5.98
C ALA A 39 -7.65 0.56 -5.22
N ALA A 40 -6.63 -0.13 -5.74
CA ALA A 40 -6.15 -1.35 -5.11
C ALA A 40 -5.45 -1.05 -3.79
N PHE A 41 -4.64 0.00 -3.78
CA PHE A 41 -3.91 0.40 -2.58
C PHE A 41 -4.87 0.89 -1.50
N ILE A 42 -5.93 1.56 -1.92
CA ILE A 42 -6.92 2.09 -0.98
C ILE A 42 -7.77 0.96 -0.40
N LYS A 43 -8.15 0.02 -1.24
CA LYS A 43 -8.96 -1.12 -0.81
C LYS A 43 -8.20 -1.99 0.19
N GLN A 44 -6.89 -2.10 -0.02
CA GLN A 44 -6.04 -2.90 0.86
C GLN A 44 -5.91 -2.24 2.23
N ARG A 45 -5.57 -0.96 2.25
CA ARG A 45 -5.41 -0.22 3.49
C ARG A 45 -6.75 0.00 4.17
N SER A 46 -7.82 0.03 3.37
CA SER A 46 -9.17 0.23 3.90
C SER A 46 -9.75 -1.08 4.42
N GLN A 47 -9.41 -2.17 3.74
CA GLN A 47 -9.90 -3.49 4.13
C GLN A 47 -8.86 -4.57 3.84
N HIS A 48 -8.32 -5.16 4.90
CA HIS A 48 -7.31 -6.22 4.76
C HIS A 48 -7.87 -7.56 5.17
N GLN A 49 -9.03 -7.92 4.61
CA GLN A 49 -9.67 -9.19 4.93
C GLN A 49 -9.25 -10.27 3.93
N GLN A 50 -9.16 -11.51 4.41
CA GLN A 50 -8.78 -12.63 3.58
C GLN A 50 -9.74 -13.80 3.73
#